data_4A55
#
_entry.id   4A55
#
_cell.length_a   136.092
_cell.length_b   147.184
_cell.length_c   226.478
_cell.angle_alpha   90.00
_cell.angle_beta   90.00
_cell.angle_gamma   90.00
#
_symmetry.space_group_name_H-M   'I 2 2 2'
#
loop_
_entity.id
_entity.type
_entity.pdbx_description
1 polymer 'PHOSPHATIDYLINOSITOL-4,5-BISPHOSPHATE 3-KINASE CATALYTIC SUBUNIT ALPHA ISOFORM'
2 polymer 'PHOSPHATIDYLINOSITOL 3-KINASE REGULATORY SUBUNIT ALPHA'
3 non-polymer PIK-108
#
loop_
_entity_poly.entity_id
_entity_poly.type
_entity_poly.pdbx_seq_one_letter_code
_entity_poly.pdbx_strand_id
1 'polypeptide(L)'
;MSYYHHHHHHDYDIPTTENLYFQGAMDPMPPRPSSGELWGIHLMPPRILVECLLPNGMIVTLECLREATLVTIKHELFRE
ARKYPLHQLLQDETSYIFVSVTQEAEREEFFDETRRLCDLRLFQPFLKVIEPVGNREEKILNREIGFVIGMPVCEFDMVK
DPEVQDFRRNILNVCKEAVDLRDLNSPHSRAMYVYPPNVESSPELPKHIYNKLDKGQIIVVIWVIVSPNNDKQKYTLKIN
HDCVPEQVIAEAIRKKTRSMLLSSEQLKLCVLEYQGKYILKVCGCDEYFLEKYPLSQYKYIRSCIMLGRMPNLMLMAKES
LYSQLPIDSFTMPSYSRRISTATPYMNGETSTKSLWVINSALRIKILCATYVNVNIRDIDKIYVRTGIYHGGEPLCDNVN
TQRVPCSNPRWNEWLNYDIYIPDLPRAARLCLSICSVKGRKGAKEEHCPLAWGNINLFDYTDTLVSGKMALNLWPVPHGL
EDLLNPIGVTGSNPNKETPCLELEFDWFSSVVKFPDMSVIEEHANWSVSREAGFSYSHTGLSNRLARDNELRENDKEQLR
ALCTRDPLSEITEQEKDFLWSHRHYCVTIPEILPKLLLSVKWNSRDEVAQMYCLVKDWPPIKPEQAMELLDCNYPDPMVR
SFAVRCLEKYLTDDKLSQYLIQLVQVLKYEQYLDNLLVRFLLKKALTNQRIGHFFFWHLKSEMHNKTVSQRFGLLLESYC
RACGMYLKHLNRQVEAMEKLINLTDILKQEKKDETQKVQMKFLVEQMRQPDFMDALQGFLSPLNPAHQLGNLRLEECRIM
SSAKRPLWLNWENPDIMSELLFQNNEIIFKNGDDLRQDMLTLQIIRIMENIWQNQGLDLRMLPYGCLSIGDCVGLIEVVR
NSHTIMQIQCKGGLKGALQFNSHTLHQWLKDKNKGEIYDAAIDLFTRSCAGYCVATFILGIGDRHNSNIMVKDDGQLFHI
DFGHFLDHKKKKFGYKRERVPFVLTQDFLIVISKGAQEYTKTREFERFQEMCYKAYLAIRQHANLFINLFSMMLGSGMPE
LQSFDDIAYIRKTLALDKTEQEALEYFTKQMNDAHHGGWTTKMDWIFHTIKQHALN
;
A
2 'polypeptide(L)'
;MNNNMSLQDAEWYWGDISREEVNEKLRDTADGTFLVRDASTKMHGDYTLTLRKGGNNKLIKIFHRDGKYGFSDPLTFSSV
VELINHYRNESLAQYNPKLDVKLLYPVSKYQQDQVVKEDNIEAVGKKLHEYNTQFQEKSREYDRLYEEYTRTSQEIQMKR
TAIEAFNETIKIFEEQCQTQERYSKEYIEKFKREGNEKEIQRIMHNYDKLKSRISEIIDSRRRLEEDLKKQAAEYREIDK
RMNSIKPDLIQLRKTRDQYLMWLTQKGVRQKKLNEWLGN
;
B
#
loop_
_chem_comp.id
_chem_comp.type
_chem_comp.name
_chem_comp.formula
P08 non-polymer PIK-108 'C22 H24 N2 O3'
#
# COMPACT_ATOMS: atom_id res chain seq x y z
N PRO A 33 7.75 -11.65 -11.78
CA PRO A 33 8.77 -10.59 -12.03
C PRO A 33 8.90 -10.15 -13.52
N SER A 34 8.10 -9.18 -14.00
CA SER A 34 8.09 -8.75 -15.46
C SER A 34 7.57 -7.29 -15.73
N SER A 35 7.12 -6.96 -16.94
CA SER A 35 6.71 -5.57 -17.28
C SER A 35 5.66 -5.38 -18.42
N GLY A 36 6.07 -5.80 -19.63
CA GLY A 36 5.45 -5.42 -20.92
C GLY A 36 5.08 -6.55 -21.87
N GLU A 37 5.07 -6.30 -23.19
CA GLU A 37 4.29 -7.11 -24.16
C GLU A 37 4.86 -8.45 -24.54
N LEU A 38 6.15 -8.59 -24.29
CA LEU A 38 6.95 -9.73 -24.71
C LEU A 38 8.32 -9.67 -23.97
N TRP A 39 8.95 -10.82 -23.71
CA TRP A 39 10.23 -10.83 -22.96
C TRP A 39 11.29 -9.93 -23.61
N GLY A 40 11.70 -8.88 -22.92
CA GLY A 40 12.72 -7.97 -23.45
C GLY A 40 12.24 -6.88 -24.39
N ILE A 41 11.21 -7.17 -25.18
CA ILE A 41 10.56 -6.15 -25.98
C ILE A 41 9.48 -5.46 -25.15
N HIS A 42 9.60 -4.16 -24.90
CA HIS A 42 8.56 -3.42 -24.17
C HIS A 42 7.27 -3.29 -24.94
N LEU A 43 7.37 -3.28 -26.25
CA LEU A 43 6.23 -2.95 -27.07
C LEU A 43 6.34 -3.71 -28.39
N MET A 44 5.32 -4.47 -28.73
CA MET A 44 5.39 -5.26 -29.95
C MET A 44 5.42 -4.32 -31.15
N PRO A 45 6.05 -4.77 -32.23
CA PRO A 45 5.90 -4.17 -33.55
C PRO A 45 4.44 -4.05 -33.99
N PRO A 46 4.16 -3.28 -35.07
CA PRO A 46 2.80 -3.18 -35.59
C PRO A 46 2.30 -4.51 -36.15
N ARG A 47 3.26 -5.40 -36.44
CA ARG A 47 2.94 -6.75 -36.90
C ARG A 47 4.11 -7.69 -36.58
N ILE A 48 3.85 -8.87 -35.98
CA ILE A 48 4.94 -9.85 -35.72
C ILE A 48 4.57 -11.19 -36.22
N LEU A 49 5.61 -11.96 -36.53
CA LEU A 49 5.50 -13.37 -36.86
C LEU A 49 5.36 -14.15 -35.55
N VAL A 50 4.35 -15.00 -35.50
CA VAL A 50 4.12 -15.85 -34.35
C VAL A 50 4.07 -17.30 -34.84
N GLU A 51 4.91 -18.13 -34.25
CA GLU A 51 5.06 -19.53 -34.59
C GLU A 51 3.85 -20.27 -34.05
N CYS A 52 3.01 -20.81 -34.90
CA CYS A 52 1.89 -21.60 -34.41
C CYS A 52 2.21 -23.09 -34.52
N LEU A 53 2.27 -23.73 -33.37
CA LEU A 53 2.50 -25.16 -33.26
C LEU A 53 1.14 -25.82 -33.32
N LEU A 54 0.90 -26.58 -34.39
CA LEU A 54 -0.37 -27.30 -34.59
C LEU A 54 -0.30 -28.67 -33.91
N PRO A 55 -1.44 -29.34 -33.73
CA PRO A 55 -1.46 -30.71 -33.21
C PRO A 55 -1.20 -31.80 -34.30
N ASN A 56 -1.36 -31.41 -35.57
CA ASN A 56 -0.95 -32.28 -36.68
C ASN A 56 0.58 -32.39 -36.73
N GLY A 57 1.26 -31.66 -35.86
CA GLY A 57 2.68 -31.86 -35.65
C GLY A 57 3.55 -30.95 -36.48
N MET A 58 3.06 -29.76 -36.80
CA MET A 58 3.76 -28.90 -37.70
C MET A 58 3.64 -27.43 -37.40
N ILE A 59 4.66 -26.70 -37.84
CA ILE A 59 4.85 -25.32 -37.46
C ILE A 59 4.36 -24.39 -38.56
N VAL A 60 3.51 -23.46 -38.16
CA VAL A 60 2.85 -22.58 -39.10
C VAL A 60 3.14 -21.14 -38.73
N THR A 61 4.27 -20.57 -39.20
CA THR A 61 4.56 -19.15 -38.91
C THR A 61 3.48 -18.27 -39.52
N LEU A 62 2.86 -17.42 -38.70
CA LEU A 62 1.70 -16.64 -39.12
C LEU A 62 1.88 -15.12 -38.93
N GLU A 63 1.50 -14.32 -39.92
CA GLU A 63 1.67 -12.85 -39.86
C GLU A 63 0.52 -12.21 -39.12
N CYS A 64 0.82 -11.55 -38.01
CA CYS A 64 -0.22 -11.00 -37.14
C CYS A 64 -0.07 -9.52 -36.86
N LEU A 65 -1.21 -8.85 -36.66
CA LEU A 65 -1.21 -7.51 -36.09
C LEU A 65 -1.19 -7.62 -34.57
N ARG A 66 -0.40 -6.80 -33.90
CA ARG A 66 -0.33 -6.80 -32.44
C ARG A 66 -1.70 -6.63 -31.75
N GLU A 67 -2.62 -5.94 -32.43
CA GLU A 67 -3.97 -5.65 -31.94
C GLU A 67 -4.82 -6.90 -31.87
N ALA A 68 -4.62 -7.78 -32.86
CA ALA A 68 -5.56 -8.86 -33.20
C ALA A 68 -6.03 -9.71 -32.02
N THR A 69 -7.35 -9.96 -31.99
CA THR A 69 -7.94 -10.86 -31.00
C THR A 69 -7.61 -12.32 -31.33
N LEU A 70 -7.56 -13.14 -30.27
CA LEU A 70 -7.26 -14.57 -30.42
C LEU A 70 -8.31 -15.31 -31.29
N VAL A 71 -9.56 -14.85 -31.24
CA VAL A 71 -10.62 -15.42 -32.06
C VAL A 71 -10.28 -15.24 -33.55
N THR A 72 -9.71 -14.08 -33.90
CA THR A 72 -9.40 -13.71 -35.29
C THR A 72 -8.08 -14.32 -35.76
N ILE A 73 -7.18 -14.57 -34.83
CA ILE A 73 -5.91 -15.24 -35.17
C ILE A 73 -6.14 -16.71 -35.50
N LYS A 74 -6.86 -17.42 -34.62
CA LYS A 74 -7.19 -18.83 -34.78
C LYS A 74 -7.83 -19.01 -36.14
N HIS A 75 -8.83 -18.18 -36.39
CA HIS A 75 -9.56 -18.17 -37.66
C HIS A 75 -8.62 -18.02 -38.88
N GLU A 76 -7.70 -17.06 -38.81
CA GLU A 76 -6.72 -16.81 -39.89
C GLU A 76 -5.70 -17.93 -40.06
N LEU A 77 -5.28 -18.50 -38.92
CA LEU A 77 -4.35 -19.65 -38.89
C LEU A 77 -4.98 -20.82 -39.58
N PHE A 78 -6.24 -21.05 -39.28
CA PHE A 78 -6.91 -22.24 -39.74
C PHE A 78 -7.25 -22.20 -41.23
N ARG A 79 -7.28 -21.02 -41.82
CA ARG A 79 -7.32 -20.95 -43.27
C ARG A 79 -5.95 -21.33 -43.84
N GLU A 80 -4.90 -20.79 -43.23
CA GLU A 80 -3.52 -21.12 -43.63
C GLU A 80 -3.09 -22.57 -43.31
N ALA A 81 -3.80 -23.24 -42.42
CA ALA A 81 -3.47 -24.62 -42.05
C ALA A 81 -3.81 -25.61 -43.17
N ARG A 82 -4.69 -25.17 -44.07
CA ARG A 82 -5.07 -25.95 -45.25
C ARG A 82 -3.91 -26.04 -46.26
N LYS A 83 -3.07 -25.01 -46.32
CA LYS A 83 -1.96 -24.97 -47.29
C LYS A 83 -0.69 -25.70 -46.80
N TYR A 84 -0.78 -26.24 -45.58
CA TYR A 84 0.26 -27.12 -45.02
C TYR A 84 -0.12 -28.61 -45.08
N PRO A 85 0.87 -29.52 -44.96
CA PRO A 85 0.55 -30.96 -44.95
C PRO A 85 -0.24 -31.44 -43.72
N LEU A 86 -0.88 -32.61 -43.91
CA LEU A 86 -1.72 -33.23 -42.89
C LEU A 86 -2.94 -32.35 -42.51
N HIS A 87 -3.34 -31.48 -43.45
CA HIS A 87 -4.40 -30.46 -43.22
C HIS A 87 -5.79 -31.02 -43.01
N GLN A 88 -5.96 -32.28 -43.44
CA GLN A 88 -7.24 -32.99 -43.35
C GLN A 88 -7.49 -33.56 -41.92
N LEU A 89 -6.43 -34.00 -41.25
CA LEU A 89 -6.59 -34.67 -39.95
C LEU A 89 -6.72 -33.68 -38.76
N LEU A 90 -6.56 -32.38 -39.02
CA LEU A 90 -6.98 -31.31 -38.08
C LEU A 90 -8.52 -31.29 -38.00
N GLN A 91 -9.05 -30.79 -36.89
CA GLN A 91 -10.50 -30.68 -36.71
C GLN A 91 -10.97 -29.27 -37.04
N ASP A 92 -12.23 -28.96 -36.74
CA ASP A 92 -12.74 -27.60 -36.83
C ASP A 92 -12.10 -26.73 -35.76
N GLU A 93 -11.83 -25.48 -36.13
CA GLU A 93 -11.19 -24.50 -35.22
C GLU A 93 -11.90 -24.37 -33.84
N THR A 94 -13.22 -24.48 -33.82
CA THR A 94 -13.99 -24.37 -32.58
C THR A 94 -13.88 -25.65 -31.78
N SER A 95 -13.06 -26.58 -32.22
CA SER A 95 -12.76 -27.72 -31.36
C SER A 95 -11.36 -27.56 -30.77
N TYR A 96 -10.94 -26.33 -30.51
CA TYR A 96 -9.55 -26.06 -30.13
C TYR A 96 -9.36 -24.80 -29.30
N ILE A 97 -8.24 -24.77 -28.59
CA ILE A 97 -7.84 -23.60 -27.83
C ILE A 97 -6.33 -23.45 -27.82
N PHE A 98 -5.86 -22.22 -27.62
CA PHE A 98 -4.44 -21.91 -27.57
C PHE A 98 -3.82 -22.09 -26.17
N VAL A 99 -2.51 -22.36 -26.16
CA VAL A 99 -1.70 -22.40 -24.94
C VAL A 99 -0.31 -21.84 -25.24
N SER A 100 0.28 -21.07 -24.32
CA SER A 100 1.67 -20.63 -24.46
C SER A 100 2.35 -20.46 -23.11
N VAL A 101 3.57 -19.96 -23.15
CA VAL A 101 4.34 -19.62 -21.96
C VAL A 101 4.25 -18.12 -21.69
N THR A 102 3.66 -17.78 -20.53
CA THR A 102 3.50 -16.40 -20.06
C THR A 102 4.80 -15.89 -19.49
N GLN A 103 4.91 -14.57 -19.33
CA GLN A 103 6.19 -13.99 -18.89
C GLN A 103 6.59 -14.34 -17.46
N GLU A 104 5.69 -14.91 -16.68
CA GLU A 104 6.08 -15.48 -15.38
C GLU A 104 6.32 -17.00 -15.47
N ALA A 105 6.42 -17.51 -16.70
CA ALA A 105 6.81 -18.90 -16.99
C ALA A 105 5.80 -19.93 -16.54
N GLU A 106 4.74 -20.08 -17.29
CA GLU A 106 3.78 -21.16 -17.02
C GLU A 106 2.78 -21.33 -18.14
N ARG A 107 2.34 -22.57 -18.34
CA ARG A 107 1.42 -22.88 -19.41
C ARG A 107 0.09 -22.20 -19.20
N GLU A 108 -0.14 -21.09 -19.90
CA GLU A 108 -1.45 -20.46 -19.81
C GLU A 108 -2.35 -20.92 -20.93
N GLU A 109 -3.52 -21.40 -20.54
CA GLU A 109 -4.48 -21.88 -21.50
C GLU A 109 -5.49 -20.77 -21.74
N PHE A 110 -5.43 -20.20 -22.95
CA PHE A 110 -6.19 -18.98 -23.32
C PHE A 110 -7.67 -19.20 -23.67
N PHE A 111 -8.46 -19.58 -22.65
CA PHE A 111 -9.87 -19.92 -22.85
C PHE A 111 -10.65 -18.69 -23.31
N ASP A 112 -10.43 -17.57 -22.66
CA ASP A 112 -11.06 -16.32 -23.08
C ASP A 112 -10.46 -15.85 -24.41
N GLU A 113 -11.24 -15.83 -25.48
CA GLU A 113 -10.68 -15.46 -26.77
C GLU A 113 -10.95 -14.00 -27.15
N THR A 114 -11.65 -13.25 -26.30
CA THR A 114 -11.69 -11.79 -26.44
C THR A 114 -10.27 -11.24 -26.59
N ARG A 115 -9.38 -11.70 -25.70
CA ARG A 115 -8.09 -11.08 -25.41
C ARG A 115 -7.32 -10.79 -26.67
N ARG A 116 -6.39 -9.82 -26.61
CA ARG A 116 -5.52 -9.47 -27.74
C ARG A 116 -4.05 -9.88 -27.50
N LEU A 117 -3.29 -10.05 -28.58
CA LEU A 117 -1.95 -10.62 -28.49
C LEU A 117 -1.06 -9.80 -27.55
N CYS A 118 -1.09 -8.50 -27.70
CA CYS A 118 -0.28 -7.65 -26.86
C CYS A 118 -0.60 -7.81 -25.35
N ASP A 119 -1.89 -7.99 -25.02
CA ASP A 119 -2.33 -8.14 -23.64
C ASP A 119 -2.07 -9.53 -23.07
N LEU A 120 -1.63 -10.47 -23.92
CA LEU A 120 -1.42 -11.84 -23.48
C LEU A 120 -0.21 -12.01 -22.63
N ARG A 121 0.68 -11.03 -22.62
CA ARG A 121 1.86 -11.10 -21.76
C ARG A 121 2.67 -12.40 -22.04
N LEU A 122 2.85 -12.66 -23.32
CA LEU A 122 3.56 -13.83 -23.76
C LEU A 122 5.03 -13.68 -23.47
N PHE A 123 5.69 -14.84 -23.31
CA PHE A 123 7.14 -14.89 -23.20
C PHE A 123 7.81 -14.73 -24.57
N GLN A 124 7.59 -15.71 -25.43
CA GLN A 124 8.07 -15.69 -26.81
C GLN A 124 6.78 -15.68 -27.65
N PRO A 125 6.81 -15.08 -28.86
CA PRO A 125 5.67 -15.20 -29.78
C PRO A 125 5.62 -16.57 -30.48
N PHE A 126 4.81 -17.44 -29.90
CA PHE A 126 4.51 -18.74 -30.43
C PHE A 126 3.20 -19.17 -29.76
N LEU A 127 2.50 -20.08 -30.39
CA LEU A 127 1.23 -20.55 -29.86
C LEU A 127 1.14 -22.04 -30.10
N LYS A 128 0.81 -22.78 -29.05
CA LYS A 128 0.46 -24.19 -29.19
C LYS A 128 -1.06 -24.30 -29.30
N VAL A 129 -1.50 -25.10 -30.25
CA VAL A 129 -2.90 -25.42 -30.44
C VAL A 129 -3.20 -26.77 -29.78
N ILE A 130 -4.14 -26.79 -28.82
CA ILE A 130 -4.59 -28.05 -28.19
C ILE A 130 -6.12 -28.19 -28.07
N GLU A 131 -6.57 -29.42 -27.80
CA GLU A 131 -7.96 -29.69 -27.48
C GLU A 131 -8.19 -29.21 -26.02
N PRO A 132 -9.27 -28.45 -25.74
CA PRO A 132 -9.45 -27.77 -24.45
C PRO A 132 -9.82 -28.68 -23.28
N VAL A 133 -9.21 -29.86 -23.22
CA VAL A 133 -9.55 -30.83 -22.18
C VAL A 133 -9.02 -30.22 -20.86
N GLY A 134 -9.25 -30.84 -19.72
CA GLY A 134 -9.04 -30.15 -18.45
C GLY A 134 -10.10 -29.06 -18.38
N ASN A 135 -11.30 -29.47 -18.02
CA ASN A 135 -12.53 -28.70 -18.15
C ASN A 135 -12.66 -27.63 -17.05
N ARG A 136 -13.89 -27.32 -16.65
CA ARG A 136 -14.20 -26.12 -15.89
C ARG A 136 -13.55 -24.98 -16.63
N GLU A 137 -13.93 -24.78 -17.88
CA GLU A 137 -13.56 -23.55 -18.58
C GLU A 137 -13.70 -22.43 -17.56
N GLU A 138 -14.81 -22.40 -16.81
CA GLU A 138 -15.06 -21.34 -15.84
C GLU A 138 -13.99 -21.20 -14.78
N LYS A 139 -13.61 -22.30 -14.16
CA LYS A 139 -12.65 -22.25 -13.06
C LYS A 139 -11.23 -21.95 -13.56
N ILE A 140 -10.89 -22.50 -14.73
CA ILE A 140 -9.57 -22.27 -15.36
C ILE A 140 -9.52 -20.82 -15.93
N LEU A 141 -10.67 -20.17 -16.08
CA LEU A 141 -10.70 -18.76 -16.34
C LEU A 141 -10.61 -17.96 -15.06
N ASN A 142 -10.07 -18.51 -13.97
CA ASN A 142 -9.59 -17.68 -12.82
C ASN A 142 -8.06 -17.72 -12.69
N ARG A 143 -7.44 -17.57 -13.85
CA ARG A 143 -6.08 -17.18 -13.98
C ARG A 143 -6.17 -15.72 -14.22
N GLU A 144 -7.32 -15.13 -13.90
CA GLU A 144 -7.41 -13.68 -13.79
C GLU A 144 -7.23 -13.26 -12.37
N ILE A 145 -7.52 -14.17 -11.44
CA ILE A 145 -7.19 -13.91 -10.03
C ILE A 145 -5.70 -13.78 -9.97
N GLY A 146 -4.98 -14.65 -10.70
CA GLY A 146 -3.52 -14.63 -10.72
C GLY A 146 -2.86 -13.43 -11.38
N PHE A 147 -3.63 -12.73 -12.19
CA PHE A 147 -3.18 -11.52 -12.87
C PHE A 147 -3.45 -10.29 -12.02
N VAL A 148 -4.69 -10.16 -11.59
CA VAL A 148 -5.10 -9.09 -10.73
C VAL A 148 -4.35 -9.15 -9.43
N ILE A 149 -4.13 -10.35 -8.91
CA ILE A 149 -3.48 -10.53 -7.62
C ILE A 149 -1.99 -10.17 -7.66
N GLY A 150 -1.29 -10.49 -8.73
CA GLY A 150 0.14 -10.21 -8.78
C GLY A 150 1.03 -11.44 -8.70
N MET A 151 0.50 -12.51 -8.13
CA MET A 151 1.17 -13.79 -8.20
C MET A 151 0.21 -14.86 -8.71
N PRO A 152 0.61 -15.64 -9.75
CA PRO A 152 -0.25 -16.73 -10.26
C PRO A 152 -0.64 -17.82 -9.24
N VAL A 153 -1.91 -18.23 -9.25
CA VAL A 153 -2.52 -19.10 -8.23
C VAL A 153 -1.96 -20.50 -8.20
N CYS A 154 -1.44 -20.92 -9.34
CA CYS A 154 -0.72 -22.17 -9.49
C CYS A 154 0.39 -22.31 -8.48
N GLU A 155 1.05 -21.19 -8.20
CA GLU A 155 2.16 -21.17 -7.26
C GLU A 155 1.71 -21.54 -5.87
N PHE A 156 0.56 -21.05 -5.44
CA PHE A 156 0.08 -21.43 -4.12
C PHE A 156 -0.23 -22.94 -4.04
N ASP A 157 -0.72 -23.53 -5.12
CA ASP A 157 -1.04 -24.97 -5.12
C ASP A 157 0.24 -25.72 -4.82
N MET A 158 1.25 -25.47 -5.66
CA MET A 158 2.54 -26.16 -5.57
C MET A 158 3.38 -25.65 -4.39
N VAL A 159 2.77 -25.52 -3.20
CA VAL A 159 3.51 -25.11 -1.99
C VAL A 159 3.31 -26.14 -0.89
N LYS A 160 4.43 -26.78 -0.55
CA LYS A 160 4.70 -27.43 0.71
C LYS A 160 4.04 -26.69 1.88
N ASP A 161 4.50 -26.95 3.09
CA ASP A 161 4.04 -26.24 4.30
C ASP A 161 2.56 -26.46 4.55
N PRO A 162 2.20 -26.65 5.81
CA PRO A 162 0.80 -26.82 6.11
C PRO A 162 0.11 -25.48 6.38
N GLU A 163 0.78 -24.59 7.09
CA GLU A 163 0.11 -23.37 7.46
C GLU A 163 -0.47 -22.66 6.22
N VAL A 164 0.32 -22.55 5.14
CA VAL A 164 -0.13 -21.88 3.90
C VAL A 164 -1.34 -22.59 3.34
N GLN A 165 -1.31 -23.91 3.39
CA GLN A 165 -2.39 -24.68 2.82
C GLN A 165 -3.57 -24.62 3.77
N ASP A 166 -3.29 -24.72 5.05
CA ASP A 166 -4.33 -24.60 6.06
C ASP A 166 -5.03 -23.26 5.93
N PHE A 167 -4.28 -22.20 5.70
CA PHE A 167 -4.86 -20.87 5.60
C PHE A 167 -5.85 -20.74 4.48
N ARG A 168 -5.43 -21.11 3.27
CA ARG A 168 -6.25 -20.94 2.05
C ARG A 168 -7.62 -21.53 2.17
N ARG A 169 -7.67 -22.69 2.87
CA ARG A 169 -8.85 -23.48 3.09
C ARG A 169 -9.72 -22.82 4.14
N ASN A 170 -9.18 -22.68 5.37
CA ASN A 170 -9.95 -22.16 6.52
C ASN A 170 -10.41 -20.73 6.37
N ILE A 171 -9.67 -19.95 5.59
CA ILE A 171 -10.04 -18.60 5.31
C ILE A 171 -11.31 -18.55 4.45
N LEU A 172 -11.68 -19.64 3.82
CA LEU A 172 -12.90 -19.65 3.04
C LEU A 172 -14.08 -19.61 3.98
N ASN A 173 -13.89 -20.01 5.21
CA ASN A 173 -14.97 -19.91 6.17
C ASN A 173 -15.36 -18.48 6.50
N VAL A 174 -14.41 -17.58 6.41
CA VAL A 174 -14.69 -16.15 6.56
C VAL A 174 -15.45 -15.60 5.37
N CYS A 175 -15.18 -16.17 4.20
CA CYS A 175 -15.78 -15.72 2.97
C CYS A 175 -17.26 -16.13 2.81
N LYS A 176 -17.58 -17.35 3.20
CA LYS A 176 -18.98 -17.70 3.22
C LYS A 176 -19.67 -16.69 4.12
N GLU A 177 -19.18 -16.56 5.36
CA GLU A 177 -19.80 -15.69 6.37
C GLU A 177 -20.02 -14.27 5.91
N ALA A 178 -19.17 -13.81 4.99
CA ALA A 178 -19.38 -12.56 4.29
C ALA A 178 -20.54 -12.63 3.29
N VAL A 179 -20.42 -13.52 2.31
CA VAL A 179 -21.40 -13.58 1.21
C VAL A 179 -22.83 -13.78 1.75
N ASP A 180 -22.96 -14.64 2.76
CA ASP A 180 -24.26 -14.86 3.37
C ASP A 180 -24.85 -13.59 3.98
N LEU A 181 -24.00 -12.80 4.62
CA LEU A 181 -24.45 -11.58 5.30
C LEU A 181 -24.99 -10.63 4.26
N ARG A 182 -24.16 -10.38 3.25
CA ARG A 182 -24.48 -9.37 2.24
C ARG A 182 -25.58 -9.83 1.28
N ASP A 183 -26.10 -11.03 1.47
CA ASP A 183 -27.16 -11.51 0.62
C ASP A 183 -28.53 -11.73 1.31
N LEU A 184 -28.55 -11.84 2.64
CA LEU A 184 -29.80 -11.83 3.40
C LEU A 184 -30.40 -10.43 3.31
N ASN A 185 -31.64 -10.36 2.80
CA ASN A 185 -32.28 -9.10 2.36
C ASN A 185 -31.88 -8.68 0.91
N SER A 186 -31.95 -9.63 -0.02
CA SER A 186 -31.22 -9.61 -1.31
C SER A 186 -31.25 -8.33 -2.15
N PRO A 187 -32.37 -7.62 -2.27
CA PRO A 187 -32.24 -6.38 -3.08
C PRO A 187 -31.37 -5.32 -2.39
N HIS A 188 -31.66 -5.05 -1.13
CA HIS A 188 -31.07 -3.94 -0.44
C HIS A 188 -29.68 -4.18 0.08
N SER A 189 -29.44 -5.42 0.49
CA SER A 189 -28.16 -5.82 1.08
C SER A 189 -27.07 -5.80 0.04
N ARG A 190 -27.47 -6.08 -1.20
CA ARG A 190 -26.61 -6.00 -2.34
C ARG A 190 -26.25 -4.53 -2.63
N ALA A 191 -27.26 -3.71 -2.84
CA ALA A 191 -26.97 -2.33 -3.15
C ALA A 191 -26.37 -1.60 -1.96
N MET A 192 -26.07 -2.30 -0.86
CA MET A 192 -25.40 -1.67 0.28
C MET A 192 -23.92 -2.05 0.37
N TYR A 193 -23.57 -3.18 -0.24
CA TYR A 193 -22.17 -3.68 -0.33
C TYR A 193 -21.42 -2.95 -1.44
N VAL A 194 -22.04 -2.93 -2.62
CA VAL A 194 -21.69 -1.93 -3.61
C VAL A 194 -22.34 -0.69 -3.08
N TYR A 195 -21.76 0.46 -3.31
CA TYR A 195 -22.45 1.71 -2.93
C TYR A 195 -22.91 1.87 -1.46
N PRO A 196 -22.04 1.56 -0.48
CA PRO A 196 -22.43 1.84 0.88
C PRO A 196 -22.48 3.34 1.11
N PRO A 197 -23.22 3.78 2.12
CA PRO A 197 -23.36 5.16 2.39
C PRO A 197 -22.04 5.72 2.86
N ASN A 198 -21.72 6.92 2.35
CA ASN A 198 -20.56 7.66 2.78
C ASN A 198 -20.87 8.64 3.94
N VAL A 199 -21.02 8.07 5.13
CA VAL A 199 -21.51 8.79 6.30
C VAL A 199 -20.34 9.19 7.16
N GLU A 200 -20.46 10.35 7.83
CA GLU A 200 -19.33 10.93 8.58
C GLU A 200 -19.25 10.49 10.04
N SER A 201 -20.20 9.67 10.50
CA SER A 201 -20.21 9.14 11.90
C SER A 201 -20.25 10.20 13.04
N SER A 202 -21.15 9.98 14.01
CA SER A 202 -21.70 11.07 14.84
C SER A 202 -22.56 12.06 14.01
N PRO A 203 -23.90 11.98 14.13
CA PRO A 203 -24.74 12.95 13.48
C PRO A 203 -24.43 14.35 14.00
N GLU A 204 -24.19 14.46 15.31
CA GLU A 204 -24.08 15.76 15.98
C GLU A 204 -23.21 16.74 15.20
N LEU A 205 -23.79 17.86 14.78
CA LEU A 205 -23.02 18.93 14.12
C LEU A 205 -22.21 19.76 15.13
N PRO A 206 -20.96 20.11 14.78
CA PRO A 206 -20.31 21.22 15.47
C PRO A 206 -21.12 22.47 15.25
N LYS A 207 -21.30 23.25 16.31
CA LYS A 207 -22.21 24.36 16.26
C LYS A 207 -21.74 25.49 15.31
N HIS A 208 -20.46 25.50 14.92
CA HIS A 208 -19.97 26.52 13.96
C HIS A 208 -20.33 26.18 12.50
N ILE A 209 -20.56 24.90 12.25
CA ILE A 209 -21.08 24.41 10.97
C ILE A 209 -22.59 24.63 10.94
N TYR A 210 -23.26 24.31 12.05
CA TYR A 210 -24.72 24.40 12.18
C TYR A 210 -25.28 25.78 11.89
N ASN A 211 -24.51 26.82 12.24
CA ASN A 211 -24.97 28.19 12.09
C ASN A 211 -24.93 28.67 10.65
N LYS A 212 -24.05 28.05 9.86
CA LYS A 212 -23.96 28.28 8.41
C LYS A 212 -25.21 27.86 7.69
N LEU A 213 -26.01 27.00 8.32
CA LEU A 213 -27.28 26.54 7.76
C LEU A 213 -28.28 27.67 7.46
N ASP A 214 -28.76 28.35 8.51
CA ASP A 214 -29.93 29.24 8.46
C ASP A 214 -31.15 28.53 9.03
N LYS A 215 -31.47 28.88 10.28
CA LYS A 215 -32.65 28.38 10.95
C LYS A 215 -32.61 26.85 11.06
N GLY A 216 -31.41 26.31 11.20
CA GLY A 216 -31.23 24.87 11.31
C GLY A 216 -31.78 24.07 10.15
N GLN A 217 -31.64 24.60 8.92
CA GLN A 217 -32.11 23.90 7.72
C GLN A 217 -31.37 24.31 6.47
N ILE A 218 -31.42 23.49 5.42
CA ILE A 218 -30.61 23.73 4.20
C ILE A 218 -31.30 23.55 2.84
N ILE A 219 -30.91 24.38 1.90
CA ILE A 219 -31.40 24.32 0.56
C ILE A 219 -30.75 23.17 -0.17
N VAL A 220 -31.49 22.57 -1.09
CA VAL A 220 -31.08 21.35 -1.76
C VAL A 220 -31.77 21.24 -3.10
N VAL A 221 -31.03 21.05 -4.18
CA VAL A 221 -31.65 20.90 -5.49
C VAL A 221 -31.74 19.44 -5.90
N ILE A 222 -32.93 18.98 -6.21
CA ILE A 222 -33.14 17.59 -6.56
C ILE A 222 -33.44 17.48 -8.03
N TRP A 223 -32.62 16.75 -8.77
CA TRP A 223 -32.76 16.67 -10.21
C TRP A 223 -33.45 15.40 -10.60
N VAL A 224 -34.11 15.41 -11.74
CA VAL A 224 -34.72 14.20 -12.24
C VAL A 224 -34.71 14.21 -13.75
N ILE A 225 -34.17 13.15 -14.36
CA ILE A 225 -34.31 12.96 -15.82
C ILE A 225 -35.74 12.51 -16.16
N VAL A 226 -36.21 12.84 -17.37
CA VAL A 226 -37.55 12.44 -17.84
C VAL A 226 -37.46 11.83 -19.24
N SER A 227 -38.47 11.03 -19.59
CA SER A 227 -38.51 10.18 -20.82
C SER A 227 -37.83 10.68 -22.13
N PRO A 228 -38.22 11.88 -22.63
CA PRO A 228 -37.76 12.24 -23.97
C PRO A 228 -36.30 12.70 -24.04
N ASN A 229 -36.04 13.98 -23.80
CA ASN A 229 -34.78 14.61 -24.21
C ASN A 229 -33.64 14.40 -23.23
N ASN A 230 -33.79 13.43 -22.31
CA ASN A 230 -33.04 13.43 -21.07
C ASN A 230 -33.25 14.80 -20.43
N ASP A 231 -34.51 15.20 -20.36
CA ASP A 231 -34.86 16.53 -19.87
C ASP A 231 -34.60 16.63 -18.36
N LYS A 232 -33.63 17.46 -17.99
CA LYS A 232 -33.21 17.56 -16.61
C LYS A 232 -34.15 18.51 -15.85
N GLN A 233 -35.30 18.03 -15.40
CA GLN A 233 -36.17 18.84 -14.52
C GLN A 233 -35.60 18.95 -13.09
N LYS A 234 -35.43 20.19 -12.61
CA LYS A 234 -34.99 20.46 -11.24
C LYS A 234 -36.17 20.80 -10.35
N TYR A 235 -35.98 20.58 -9.05
CA TYR A 235 -36.96 20.91 -8.02
C TYR A 235 -36.15 21.30 -6.82
N THR A 236 -36.17 22.57 -6.43
CA THR A 236 -35.37 22.99 -5.29
C THR A 236 -36.20 22.86 -4.01
N LEU A 237 -35.51 22.76 -2.85
CA LEU A 237 -36.17 22.45 -1.55
C LEU A 237 -35.42 23.02 -0.34
N LYS A 238 -36.11 23.71 0.59
CA LYS A 238 -35.56 24.04 1.93
C LYS A 238 -36.01 22.95 2.86
N ILE A 239 -35.09 22.28 3.53
CA ILE A 239 -35.47 21.21 4.44
C ILE A 239 -34.58 21.09 5.64
N ASN A 240 -35.13 20.59 6.74
CA ASN A 240 -34.32 20.39 7.94
C ASN A 240 -33.09 19.54 7.65
N HIS A 241 -31.91 20.03 8.01
CA HIS A 241 -30.65 19.33 7.67
C HIS A 241 -30.62 17.93 8.25
N ASP A 242 -31.28 17.74 9.40
CA ASP A 242 -31.23 16.48 10.14
C ASP A 242 -32.18 15.40 9.63
N CYS A 243 -33.01 15.71 8.64
CA CYS A 243 -33.99 14.75 8.14
C CYS A 243 -33.32 13.71 7.25
N VAL A 244 -33.96 12.55 7.11
CA VAL A 244 -33.39 11.44 6.34
C VAL A 244 -33.86 11.50 4.87
N PRO A 245 -33.15 10.82 3.95
CA PRO A 245 -33.44 10.99 2.53
C PRO A 245 -34.89 10.64 2.22
N GLU A 246 -35.33 9.52 2.79
CA GLU A 246 -36.75 9.15 2.78
C GLU A 246 -37.66 10.40 2.80
N GLN A 247 -37.35 11.34 3.69
CA GLN A 247 -38.14 12.55 3.89
C GLN A 247 -37.89 13.57 2.80
N VAL A 248 -36.67 13.65 2.34
CA VAL A 248 -36.35 14.53 1.23
C VAL A 248 -37.14 14.11 -0.01
N ILE A 249 -37.23 12.80 -0.24
CA ILE A 249 -38.04 12.30 -1.33
C ILE A 249 -39.45 12.82 -1.20
N ALA A 250 -40.03 12.69 0.00
CA ALA A 250 -41.41 13.11 0.28
C ALA A 250 -41.59 14.60 0.00
N GLU A 251 -40.59 15.40 0.31
CA GLU A 251 -40.70 16.85 0.07
C GLU A 251 -40.69 17.12 -1.42
N ALA A 252 -39.93 16.31 -2.12
CA ALA A 252 -39.94 16.32 -3.57
C ALA A 252 -41.35 16.00 -4.06
N ILE A 253 -41.88 14.90 -3.55
CA ILE A 253 -43.22 14.45 -3.88
C ILE A 253 -44.22 15.60 -3.72
N ARG A 254 -44.15 16.31 -2.62
CA ARG A 254 -45.06 17.43 -2.42
C ARG A 254 -44.89 18.49 -3.51
N LYS A 255 -43.64 18.85 -3.79
CA LYS A 255 -43.43 19.93 -4.72
C LYS A 255 -44.02 19.57 -6.09
N LYS A 256 -43.67 18.41 -6.60
CA LYS A 256 -44.17 18.01 -7.90
C LYS A 256 -45.70 17.85 -7.88
N THR A 257 -46.22 17.15 -6.88
CA THR A 257 -47.66 16.89 -6.80
C THR A 257 -48.47 18.14 -6.59
N ARG A 258 -48.13 18.85 -5.52
CA ARG A 258 -49.05 19.81 -4.91
C ARG A 258 -49.07 21.16 -5.65
N SER A 259 -48.37 21.23 -6.77
CA SER A 259 -48.63 22.29 -7.73
C SER A 259 -50.10 22.11 -8.19
N MET A 260 -50.41 20.93 -8.70
CA MET A 260 -51.81 20.51 -8.83
C MET A 260 -52.44 20.49 -7.44
N LEU A 261 -53.73 20.74 -7.35
CA LEU A 261 -54.37 20.87 -6.04
C LEU A 261 -54.76 19.51 -5.50
N LEU A 262 -54.44 19.21 -4.24
CA LEU A 262 -54.99 18.00 -3.58
C LEU A 262 -54.97 17.96 -2.05
N SER A 263 -55.80 17.09 -1.46
CA SER A 263 -56.05 16.99 0.00
C SER A 263 -54.78 16.77 0.77
N SER A 264 -54.84 17.02 2.07
CA SER A 264 -53.68 16.77 2.93
C SER A 264 -53.54 15.30 3.12
N GLU A 265 -54.70 14.65 3.22
CA GLU A 265 -54.78 13.20 3.36
C GLU A 265 -54.31 12.48 2.12
N GLN A 266 -54.39 13.12 0.95
CA GLN A 266 -53.98 12.46 -0.27
C GLN A 266 -52.48 12.47 -0.30
N LEU A 267 -51.87 13.63 -0.13
CA LEU A 267 -50.42 13.72 -0.17
C LEU A 267 -49.81 12.70 0.76
N LYS A 268 -50.41 12.57 1.95
CA LYS A 268 -49.88 11.72 3.01
C LYS A 268 -49.99 10.24 2.67
N LEU A 269 -50.86 9.89 1.73
CA LEU A 269 -50.98 8.52 1.22
C LEU A 269 -50.02 8.31 0.08
N CYS A 270 -49.86 9.34 -0.75
CA CYS A 270 -48.93 9.26 -1.85
C CYS A 270 -47.50 9.09 -1.38
N VAL A 271 -47.13 9.81 -0.33
CA VAL A 271 -45.83 9.59 0.28
C VAL A 271 -45.83 8.16 0.78
N LEU A 272 -46.78 7.81 1.65
CA LEU A 272 -46.73 6.50 2.30
C LEU A 272 -46.27 5.41 1.35
N GLU A 273 -46.84 5.39 0.16
CA GLU A 273 -46.74 4.24 -0.73
C GLU A 273 -45.73 4.37 -1.86
N TYR A 274 -45.21 5.57 -2.06
CA TYR A 274 -44.17 5.81 -3.07
C TYR A 274 -42.88 6.45 -2.48
N GLN A 275 -42.94 6.97 -1.25
CA GLN A 275 -41.80 7.53 -0.51
C GLN A 275 -40.58 6.64 -0.69
N GLY A 276 -40.75 5.34 -0.45
CA GLY A 276 -39.63 4.40 -0.50
C GLY A 276 -39.43 3.63 -1.79
N LYS A 277 -40.13 4.05 -2.84
CA LYS A 277 -40.01 3.42 -4.15
C LYS A 277 -38.97 4.17 -4.98
N TYR A 278 -38.30 5.17 -4.38
CA TYR A 278 -37.23 5.96 -5.01
C TYR A 278 -35.92 5.91 -4.20
N ILE A 279 -34.82 6.43 -4.75
CA ILE A 279 -33.56 6.70 -3.98
C ILE A 279 -32.81 7.97 -4.41
N LEU A 280 -31.83 8.37 -3.61
CA LEU A 280 -31.10 9.59 -3.93
C LEU A 280 -29.63 9.37 -4.26
N LYS A 281 -29.21 9.96 -5.36
CA LYS A 281 -27.83 9.85 -5.85
C LYS A 281 -27.22 11.24 -5.85
N VAL A 282 -25.95 11.35 -5.47
CA VAL A 282 -25.22 12.59 -5.68
C VAL A 282 -24.99 12.78 -7.19
N CYS A 283 -25.17 14.00 -7.69
CA CYS A 283 -25.01 14.25 -9.12
C CYS A 283 -23.54 14.24 -9.51
N GLY A 284 -23.16 13.43 -10.50
CA GLY A 284 -21.76 13.36 -10.96
C GLY A 284 -20.93 12.08 -10.71
N CYS A 285 -21.40 11.26 -9.78
CA CYS A 285 -20.59 10.14 -9.35
C CYS A 285 -21.40 9.11 -8.60
N ASP A 286 -21.03 7.85 -8.73
CA ASP A 286 -21.83 6.77 -8.20
C ASP A 286 -21.73 6.68 -6.67
N GLU A 287 -22.46 7.56 -5.99
CA GLU A 287 -22.51 7.63 -4.53
C GLU A 287 -23.92 7.92 -4.08
N TYR A 288 -24.60 6.88 -3.64
CA TYR A 288 -25.99 6.95 -3.29
C TYR A 288 -26.22 7.10 -1.77
N PHE A 289 -27.40 7.61 -1.42
CA PHE A 289 -27.87 7.65 -0.04
C PHE A 289 -28.93 6.62 0.21
N LEU A 290 -28.46 5.42 0.52
CA LEU A 290 -29.36 4.28 0.67
C LEU A 290 -29.66 3.98 2.12
N GLU A 291 -29.53 4.94 3.00
CA GLU A 291 -29.64 4.61 4.40
C GLU A 291 -30.30 5.72 5.19
N LYS A 292 -30.95 5.34 6.30
CA LYS A 292 -31.69 6.27 7.16
C LYS A 292 -30.73 7.04 8.07
N TYR A 293 -29.85 7.82 7.45
CA TYR A 293 -28.99 8.75 8.14
C TYR A 293 -29.54 10.15 7.97
N PRO A 294 -29.34 11.00 9.00
CA PRO A 294 -29.55 12.42 8.84
C PRO A 294 -28.81 12.95 7.64
N LEU A 295 -29.50 13.68 6.79
CA LEU A 295 -28.98 14.12 5.49
C LEU A 295 -27.65 14.90 5.63
N SER A 296 -27.47 15.55 6.77
CA SER A 296 -26.23 16.28 7.04
C SER A 296 -25.09 15.33 7.29
N GLN A 297 -25.40 14.15 7.83
CA GLN A 297 -24.36 13.19 8.23
C GLN A 297 -23.64 12.58 7.03
N TYR A 298 -24.25 12.67 5.87
CA TYR A 298 -23.62 12.17 4.67
C TYR A 298 -22.50 13.11 4.33
N LYS A 299 -21.37 12.56 3.94
CA LYS A 299 -20.21 13.39 3.77
C LYS A 299 -20.45 14.42 2.68
N TYR A 300 -21.14 14.03 1.63
CA TYR A 300 -21.36 14.99 0.56
C TYR A 300 -21.98 16.25 1.09
N ILE A 301 -23.01 16.10 1.90
CA ILE A 301 -23.75 17.23 2.37
C ILE A 301 -22.95 18.06 3.37
N ARG A 302 -22.40 17.42 4.41
CA ARG A 302 -21.68 18.19 5.43
C ARG A 302 -20.55 18.96 4.79
N SER A 303 -19.98 18.39 3.73
CA SER A 303 -19.01 19.09 2.88
C SER A 303 -19.61 20.35 2.23
N CYS A 304 -20.77 20.18 1.60
CA CYS A 304 -21.51 21.31 1.08
C CYS A 304 -21.79 22.39 2.13
N ILE A 305 -22.07 21.98 3.37
CA ILE A 305 -22.50 22.91 4.44
C ILE A 305 -21.38 23.87 4.84
N MET A 306 -20.27 23.29 5.32
CA MET A 306 -19.10 24.05 5.81
C MET A 306 -18.39 24.75 4.66
N LEU A 307 -18.35 24.09 3.50
CA LEU A 307 -17.82 24.69 2.26
C LEU A 307 -18.71 25.80 1.68
N GLY A 308 -20.01 25.78 2.04
CA GLY A 308 -20.95 26.84 1.63
C GLY A 308 -21.42 26.72 0.18
N ARG A 309 -21.39 25.50 -0.38
CA ARG A 309 -22.02 25.18 -1.70
C ARG A 309 -23.29 24.30 -1.58
N MET A 310 -24.14 24.36 -2.61
CA MET A 310 -25.51 23.85 -2.54
C MET A 310 -25.58 22.47 -3.17
N PRO A 311 -25.99 21.47 -2.40
CA PRO A 311 -25.94 20.08 -2.85
C PRO A 311 -26.91 19.82 -3.99
N ASN A 312 -26.46 19.13 -5.02
CA ASN A 312 -27.31 18.73 -6.13
C ASN A 312 -27.47 17.23 -6.19
N LEU A 313 -28.65 16.73 -5.86
CA LEU A 313 -28.94 15.31 -5.84
C LEU A 313 -29.82 14.92 -7.00
N MET A 314 -29.79 13.63 -7.31
CA MET A 314 -30.61 13.11 -8.38
C MET A 314 -31.57 12.07 -7.84
N LEU A 315 -32.82 12.22 -8.23
CA LEU A 315 -33.86 11.30 -7.84
C LEU A 315 -33.97 10.22 -8.90
N MET A 316 -33.79 8.99 -8.46
CA MET A 316 -33.75 7.87 -9.34
C MET A 316 -34.81 6.85 -8.93
N ALA A 317 -35.29 6.09 -9.91
CA ALA A 317 -36.21 5.03 -9.63
C ALA A 317 -35.46 3.93 -8.81
N LYS A 318 -36.00 3.50 -7.68
CA LYS A 318 -35.31 2.50 -6.83
C LYS A 318 -35.10 1.23 -7.62
N GLU A 319 -36.05 0.94 -8.49
CA GLU A 319 -36.06 -0.32 -9.23
C GLU A 319 -34.91 -0.37 -10.24
N SER A 320 -34.62 0.76 -10.85
CA SER A 320 -33.60 0.83 -11.87
C SER A 320 -32.19 0.73 -11.32
N LEU A 321 -31.95 1.08 -10.07
CA LEU A 321 -30.64 0.80 -9.47
C LEU A 321 -30.53 -0.68 -9.26
N TYR A 322 -31.51 -1.27 -8.59
CA TYR A 322 -31.42 -2.68 -8.23
C TYR A 322 -31.22 -3.58 -9.45
N SER A 323 -31.92 -3.26 -10.54
CA SER A 323 -31.98 -4.15 -11.72
C SER A 323 -30.63 -4.36 -12.35
N GLN A 324 -29.81 -3.30 -12.28
CA GLN A 324 -28.47 -3.33 -12.82
C GLN A 324 -27.41 -3.58 -11.74
N LEU A 325 -27.68 -4.46 -10.79
CA LEU A 325 -26.62 -5.00 -9.96
C LEU A 325 -26.76 -6.51 -9.85
N PRO A 326 -25.79 -7.23 -10.39
CA PRO A 326 -25.91 -8.66 -10.69
C PRO A 326 -26.12 -9.65 -9.51
N ILE A 327 -25.85 -10.92 -9.81
CA ILE A 327 -25.84 -12.03 -8.85
C ILE A 327 -24.55 -12.09 -8.03
N ASP A 328 -24.68 -12.50 -6.77
CA ASP A 328 -23.54 -12.50 -5.80
C ASP A 328 -22.52 -13.53 -6.27
N SER A 329 -23.00 -14.77 -6.43
CA SER A 329 -22.28 -15.86 -7.12
C SER A 329 -20.89 -16.22 -6.54
N PHE A 330 -20.89 -16.89 -5.40
CA PHE A 330 -19.64 -17.38 -4.80
C PHE A 330 -19.66 -18.91 -4.76
N THR A 331 -18.62 -19.52 -5.32
CA THR A 331 -18.51 -20.98 -5.31
C THR A 331 -17.14 -21.35 -4.83
N MET A 332 -16.99 -22.41 -4.07
CA MET A 332 -15.66 -22.70 -3.53
C MET A 332 -14.85 -23.59 -4.47
N PRO A 333 -13.51 -23.57 -4.29
CA PRO A 333 -12.51 -24.17 -5.16
C PRO A 333 -11.94 -25.54 -4.75
N SER A 334 -10.94 -25.94 -5.50
CA SER A 334 -10.25 -27.21 -5.34
C SER A 334 -9.70 -27.41 -3.94
N TYR A 335 -9.17 -26.35 -3.36
CA TYR A 335 -8.58 -26.48 -2.05
C TYR A 335 -9.66 -26.41 -0.98
N SER A 336 -10.41 -27.50 -0.83
CA SER A 336 -11.39 -27.62 0.26
C SER A 336 -11.32 -29.01 0.98
N ARG A 337 -10.17 -29.70 0.85
CA ARG A 337 -9.99 -31.10 1.34
C ARG A 337 -9.24 -31.14 2.69
N SER A 351 0.93 -38.11 20.67
CA SER A 351 1.71 -38.45 21.85
C SER A 351 2.53 -37.25 22.35
N THR A 352 1.89 -36.21 22.89
CA THR A 352 2.55 -34.88 23.13
C THR A 352 2.60 -34.48 24.60
N LYS A 353 3.60 -33.68 24.97
CA LYS A 353 3.73 -33.11 26.33
C LYS A 353 3.16 -31.69 26.41
N SER A 354 2.96 -31.19 27.64
CA SER A 354 2.75 -29.73 27.89
C SER A 354 4.10 -29.01 27.87
N LEU A 355 4.09 -27.69 27.79
CA LEU A 355 5.33 -26.94 27.78
C LEU A 355 5.89 -26.94 29.18
N TRP A 356 4.99 -26.96 30.16
CA TRP A 356 5.36 -26.72 31.54
C TRP A 356 5.94 -27.95 32.20
N VAL A 357 5.79 -29.11 31.57
CA VAL A 357 6.42 -30.34 32.08
C VAL A 357 7.96 -30.27 31.99
N ILE A 358 8.46 -29.63 30.94
CA ILE A 358 9.91 -29.53 30.70
C ILE A 358 10.60 -28.80 31.83
N ASN A 359 11.74 -29.34 32.24
CA ASN A 359 12.42 -28.81 33.41
C ASN A 359 13.86 -28.46 33.10
N SER A 360 14.06 -27.59 32.10
CA SER A 360 15.42 -27.24 31.72
C SER A 360 15.47 -25.88 31.10
N ALA A 361 16.69 -25.33 31.01
CA ALA A 361 16.93 -24.03 30.39
C ALA A 361 16.70 -24.17 28.92
N LEU A 362 16.44 -23.06 28.26
CA LEU A 362 16.42 -23.08 26.80
C LEU A 362 17.85 -23.09 26.29
N ARG A 363 18.15 -24.04 25.40
CA ARG A 363 19.40 -24.04 24.67
C ARG A 363 19.18 -24.31 23.17
N ILE A 364 20.09 -23.79 22.37
CA ILE A 364 20.02 -23.84 20.92
C ILE A 364 21.42 -24.07 20.33
N LYS A 365 21.56 -25.13 19.53
CA LYS A 365 22.81 -25.38 18.83
C LYS A 365 22.85 -24.55 17.52
N ILE A 366 23.86 -23.69 17.41
CA ILE A 366 24.22 -23.03 16.17
C ILE A 366 25.19 -23.97 15.46
N LEU A 367 24.71 -24.67 14.43
CA LEU A 367 25.51 -25.70 13.72
C LEU A 367 26.58 -25.09 12.78
N CYS A 368 26.14 -24.53 11.65
CA CYS A 368 27.05 -23.98 10.66
C CYS A 368 26.30 -23.24 9.55
N ALA A 369 26.98 -22.24 8.99
CA ALA A 369 26.42 -21.45 7.89
C ALA A 369 26.71 -22.12 6.56
N THR A 370 26.35 -21.43 5.49
CA THR A 370 26.70 -21.88 4.16
C THR A 370 27.83 -21.02 3.63
N TYR A 371 27.59 -19.73 3.51
CA TYR A 371 28.59 -18.87 2.92
C TYR A 371 28.24 -17.45 3.20
N VAL A 372 29.22 -16.58 2.99
CA VAL A 372 29.09 -15.18 3.35
C VAL A 372 30.05 -14.39 2.49
N ASN A 373 29.58 -13.24 2.01
CA ASN A 373 30.31 -12.49 0.99
C ASN A 373 31.05 -11.20 1.48
N VAL A 374 32.27 -11.40 1.99
CA VAL A 374 33.32 -10.34 2.13
C VAL A 374 34.67 -11.00 1.93
N ASN A 375 35.68 -10.20 1.57
CA ASN A 375 37.04 -10.72 1.31
C ASN A 375 37.84 -10.98 2.60
N ILE A 376 38.54 -12.13 2.69
CA ILE A 376 39.25 -12.52 3.92
C ILE A 376 40.15 -11.40 4.46
N ARG A 377 40.98 -10.81 3.59
CA ARG A 377 41.98 -9.82 4.01
C ARG A 377 41.44 -8.58 4.73
N ASP A 378 40.54 -7.85 4.07
CA ASP A 378 39.88 -6.70 4.69
C ASP A 378 38.86 -7.17 5.77
N ILE A 379 39.34 -7.35 7.01
CA ILE A 379 38.55 -7.85 8.19
C ILE A 379 38.18 -9.35 8.08
N ASP A 380 38.57 -10.16 9.08
CA ASP A 380 38.35 -11.63 9.02
C ASP A 380 37.98 -12.27 10.37
N LYS A 381 37.02 -11.66 11.07
CA LYS A 381 36.45 -12.30 12.27
C LYS A 381 34.90 -12.25 12.30
N ILE A 382 34.30 -13.45 12.44
CA ILE A 382 32.87 -13.69 12.25
C ILE A 382 32.31 -14.47 13.42
N TYR A 383 31.13 -14.04 13.87
CA TYR A 383 30.46 -14.70 14.98
C TYR A 383 28.95 -14.49 14.85
N VAL A 384 28.19 -15.55 15.12
CA VAL A 384 26.71 -15.52 15.09
C VAL A 384 26.13 -15.01 16.40
N ARG A 385 25.65 -13.77 16.40
CA ARG A 385 25.02 -13.18 17.58
C ARG A 385 23.55 -13.51 17.66
N THR A 386 23.13 -14.15 18.75
CA THR A 386 21.75 -14.62 18.93
C THR A 386 21.08 -13.85 20.03
N GLY A 387 19.83 -14.20 20.32
CA GLY A 387 19.09 -13.59 21.44
C GLY A 387 17.61 -13.82 21.29
N ILE A 388 16.94 -14.29 22.34
CA ILE A 388 15.53 -14.60 22.21
C ILE A 388 14.79 -13.29 22.54
N TYR A 389 13.59 -13.09 21.97
CA TYR A 389 12.87 -11.79 22.01
C TYR A 389 11.33 -11.89 22.17
N HIS A 390 10.70 -10.76 22.45
CA HIS A 390 9.24 -10.66 22.56
C HIS A 390 8.82 -9.32 21.95
N GLY A 391 9.49 -8.87 20.89
CA GLY A 391 9.45 -7.44 20.48
C GLY A 391 10.70 -6.68 21.00
N GLY A 392 10.76 -6.38 22.32
CA GLY A 392 12.00 -5.93 22.99
C GLY A 392 12.48 -7.05 23.92
N GLU A 393 13.80 -7.24 24.00
CA GLU A 393 14.47 -8.43 24.62
C GLU A 393 13.96 -8.89 25.98
N PRO A 394 13.76 -10.23 26.20
CA PRO A 394 13.50 -10.83 27.55
C PRO A 394 14.71 -11.52 28.16
N LEU A 395 15.14 -12.62 27.59
CA LEU A 395 16.34 -13.24 28.10
C LEU A 395 17.54 -12.37 27.76
N CYS A 396 18.44 -12.27 28.73
CA CYS A 396 19.71 -11.59 28.55
C CYS A 396 20.51 -12.35 27.49
N ASP A 397 20.46 -11.84 26.27
CA ASP A 397 21.01 -12.58 25.10
C ASP A 397 22.53 -12.79 25.12
N ASN A 398 23.04 -13.46 24.08
CA ASN A 398 24.45 -13.84 24.00
C ASN A 398 24.97 -14.08 22.56
N VAL A 399 26.30 -14.08 22.41
CA VAL A 399 26.95 -14.27 21.12
C VAL A 399 27.31 -15.75 20.94
N ASN A 400 28.24 -16.04 20.05
CA ASN A 400 28.92 -17.35 19.99
C ASN A 400 30.45 -17.18 19.79
N THR A 401 31.22 -18.26 19.93
CA THR A 401 32.71 -18.18 19.91
C THR A 401 33.15 -17.46 18.64
N GLN A 402 34.13 -16.58 18.81
CA GLN A 402 34.61 -15.78 17.69
C GLN A 402 35.41 -16.62 16.71
N ARG A 403 35.28 -17.95 16.75
CA ARG A 403 35.89 -18.76 15.72
C ARG A 403 35.44 -18.18 14.36
N VAL A 404 36.43 -17.82 13.55
CA VAL A 404 36.18 -17.20 12.27
C VAL A 404 36.86 -17.96 11.17
N PRO A 405 36.37 -19.18 10.89
CA PRO A 405 36.71 -19.73 9.62
C PRO A 405 35.72 -19.14 8.60
N CYS A 406 36.05 -17.95 8.06
CA CYS A 406 35.27 -17.33 6.98
C CYS A 406 35.22 -18.25 5.76
N SER A 407 36.30 -19.03 5.58
CA SER A 407 36.37 -20.08 4.57
C SER A 407 35.23 -21.11 4.73
N ASN A 408 35.01 -21.57 5.97
CA ASN A 408 33.97 -22.58 6.28
C ASN A 408 33.30 -22.34 7.64
N PRO A 409 32.37 -21.35 7.73
CA PRO A 409 31.76 -20.98 9.02
C PRO A 409 31.05 -22.13 9.75
N ARG A 410 31.77 -22.76 10.69
CA ARG A 410 31.25 -23.84 11.52
C ARG A 410 31.41 -23.44 12.98
N TRP A 411 30.52 -23.96 13.82
CA TRP A 411 30.58 -23.71 15.25
C TRP A 411 30.25 -24.96 16.07
N ASN A 412 29.07 -25.53 15.87
CA ASN A 412 28.63 -26.75 16.60
C ASN A 412 28.69 -26.60 18.12
N GLU A 413 28.29 -25.42 18.61
CA GLU A 413 28.28 -25.15 20.04
C GLU A 413 26.84 -24.89 20.48
N TRP A 414 26.46 -25.48 21.60
CA TRP A 414 25.15 -25.24 22.17
C TRP A 414 25.20 -23.92 22.91
N LEU A 415 24.50 -22.89 22.42
CA LEU A 415 24.34 -21.65 23.20
C LEU A 415 23.31 -21.85 24.35
N ASN A 416 23.74 -21.72 25.61
CA ASN A 416 22.82 -21.87 26.75
C ASN A 416 22.34 -20.53 27.30
N TYR A 417 21.08 -20.21 27.07
CA TYR A 417 20.48 -18.94 27.52
C TYR A 417 20.00 -19.17 28.96
N ASP A 418 19.82 -18.11 29.73
CA ASP A 418 19.37 -18.29 31.14
C ASP A 418 17.89 -18.00 31.31
N ILE A 419 17.06 -18.71 30.57
CA ILE A 419 15.62 -18.67 30.79
C ILE A 419 15.04 -20.08 30.95
N TYR A 420 14.09 -20.23 31.86
CA TYR A 420 13.46 -21.52 32.10
C TYR A 420 12.45 -21.72 30.98
N ILE A 421 12.30 -22.94 30.46
CA ILE A 421 11.46 -23.17 29.27
C ILE A 421 9.97 -22.96 29.50
N PRO A 422 9.48 -23.26 30.71
CA PRO A 422 8.09 -22.98 31.04
C PRO A 422 7.73 -21.47 31.16
N ASP A 423 8.68 -20.64 31.58
CA ASP A 423 8.50 -19.16 31.65
C ASP A 423 8.25 -18.50 30.29
N LEU A 424 8.73 -19.15 29.21
CA LEU A 424 8.58 -18.67 27.84
C LEU A 424 7.14 -18.28 27.51
N PRO A 425 6.90 -17.02 27.12
CA PRO A 425 5.56 -16.64 26.68
C PRO A 425 5.30 -17.18 25.27
N ARG A 426 4.08 -17.02 24.79
CA ARG A 426 3.70 -17.60 23.51
C ARG A 426 4.42 -16.91 22.33
N ALA A 427 4.51 -15.58 22.43
CA ALA A 427 5.10 -14.79 21.36
C ALA A 427 6.62 -14.85 21.39
N ALA A 428 7.20 -15.70 22.24
CA ALA A 428 8.65 -15.81 22.31
C ALA A 428 9.15 -16.18 20.94
N ARG A 429 10.24 -15.53 20.53
CA ARG A 429 10.92 -15.84 19.26
C ARG A 429 12.43 -15.54 19.23
N LEU A 430 13.18 -16.44 18.59
CA LEU A 430 14.61 -16.28 18.41
C LEU A 430 14.94 -15.23 17.37
N CYS A 431 15.91 -14.39 17.68
CA CYS A 431 16.51 -13.49 16.69
C CYS A 431 18.00 -13.72 16.64
N LEU A 432 18.57 -13.43 15.47
CA LEU A 432 19.99 -13.68 15.25
C LEU A 432 20.54 -12.87 14.06
N SER A 433 21.87 -12.98 13.87
CA SER A 433 22.64 -12.37 12.76
C SER A 433 24.07 -12.92 12.68
N ILE A 434 24.61 -13.06 11.47
CA ILE A 434 26.00 -13.45 11.30
C ILE A 434 26.89 -12.20 11.16
N CYS A 435 27.36 -11.68 12.30
CA CYS A 435 28.12 -10.41 12.38
C CYS A 435 29.65 -10.51 12.08
N SER A 436 30.29 -9.34 11.99
CA SER A 436 31.73 -9.23 11.68
C SER A 436 32.51 -8.13 12.45
N VAL A 437 33.80 -8.40 12.65
CA VAL A 437 34.74 -7.48 13.29
C VAL A 437 35.18 -6.38 12.33
N CYS A 448 29.95 -5.13 12.71
CA CYS A 448 28.90 -4.99 11.68
C CYS A 448 28.00 -6.20 11.56
N PRO A 449 26.75 -5.99 11.11
CA PRO A 449 25.76 -7.07 11.06
C PRO A 449 25.93 -8.15 9.96
N LEU A 450 26.10 -7.73 8.69
CA LEU A 450 26.11 -8.63 7.49
C LEU A 450 24.72 -9.21 7.09
N ALA A 451 24.31 -10.32 7.71
CA ALA A 451 23.06 -11.00 7.34
C ALA A 451 22.26 -11.44 8.59
N TRP A 452 20.96 -11.14 8.61
CA TRP A 452 20.11 -11.37 9.80
C TRP A 452 18.92 -12.29 9.54
N GLY A 453 18.18 -12.62 10.61
CA GLY A 453 16.98 -13.47 10.51
C GLY A 453 16.28 -13.73 11.85
N ASN A 454 15.03 -14.23 11.79
CA ASN A 454 14.18 -14.46 12.97
C ASN A 454 13.31 -15.74 12.92
N ILE A 455 12.98 -16.30 14.08
CA ILE A 455 12.28 -17.59 14.14
C ILE A 455 11.28 -17.68 15.28
N ASN A 456 10.01 -17.89 14.95
CA ASN A 456 8.99 -18.17 15.97
C ASN A 456 9.27 -19.49 16.70
N LEU A 457 9.46 -19.40 18.02
CA LEU A 457 9.75 -20.60 18.84
C LEU A 457 8.55 -21.57 18.96
N PHE A 458 7.39 -21.15 18.45
CA PHE A 458 6.23 -22.01 18.43
C PHE A 458 5.54 -22.01 17.04
N ASP A 459 5.06 -23.17 16.62
CA ASP A 459 4.32 -23.31 15.36
C ASP A 459 3.01 -22.58 15.48
N TYR A 460 2.36 -22.35 14.34
CA TYR A 460 0.96 -21.91 14.36
C TYR A 460 0.04 -22.93 15.03
N THR A 461 0.52 -24.17 15.19
CA THR A 461 -0.20 -25.22 15.89
C THR A 461 -0.01 -25.16 17.41
N ASP A 462 0.84 -24.26 17.91
CA ASP A 462 1.19 -24.13 19.36
C ASP A 462 2.30 -25.08 19.80
N THR A 463 2.96 -25.69 18.83
CA THR A 463 3.98 -26.65 19.12
C THR A 463 5.29 -25.95 19.22
N LEU A 464 6.05 -26.28 20.25
CA LEU A 464 7.45 -25.80 20.38
C LEU A 464 8.31 -26.46 19.29
N VAL A 465 9.14 -25.67 18.60
CA VAL A 465 10.00 -26.22 17.54
C VAL A 465 11.04 -27.16 18.13
N SER A 466 11.41 -28.18 17.36
CA SER A 466 12.36 -29.21 17.78
C SER A 466 13.33 -29.60 16.67
N GLY A 467 14.58 -29.80 17.04
CA GLY A 467 15.55 -30.41 16.15
C GLY A 467 16.17 -29.50 15.12
N LYS A 468 16.65 -30.11 14.05
CA LYS A 468 17.40 -29.41 13.04
C LYS A 468 16.47 -28.65 12.10
N MET A 469 16.99 -27.54 11.59
CA MET A 469 16.34 -26.76 10.53
C MET A 469 17.28 -25.66 10.06
N ALA A 470 17.12 -25.28 8.80
CA ALA A 470 17.93 -24.23 8.19
C ALA A 470 17.10 -23.00 8.16
N LEU A 471 17.78 -21.88 7.93
CA LEU A 471 17.12 -20.57 7.85
C LEU A 471 17.89 -19.64 6.91
N ASN A 472 17.34 -19.41 5.72
CA ASN A 472 17.96 -18.49 4.79
C ASN A 472 17.86 -17.08 5.38
N LEU A 473 18.98 -16.36 5.44
CA LEU A 473 19.01 -15.05 6.10
C LEU A 473 18.76 -13.89 5.14
N TRP A 474 18.29 -12.80 5.70
CA TRP A 474 18.04 -11.57 4.96
C TRP A 474 19.26 -10.69 5.02
N PRO A 475 19.42 -9.81 4.03
CA PRO A 475 20.38 -8.73 4.14
C PRO A 475 19.89 -7.60 5.06
N VAL A 476 20.81 -6.78 5.58
CA VAL A 476 20.46 -5.70 6.52
C VAL A 476 19.94 -4.50 5.75
N PRO A 477 18.89 -3.84 6.28
CA PRO A 477 18.37 -2.64 5.60
C PRO A 477 19.41 -1.53 5.49
N HIS A 478 19.09 -0.52 4.70
CA HIS A 478 20.07 0.47 4.37
C HIS A 478 20.57 1.12 5.64
N GLY A 479 19.65 1.77 6.34
CA GLY A 479 19.97 2.54 7.54
C GLY A 479 19.66 1.77 8.79
N LEU A 480 20.36 0.65 8.98
CA LEU A 480 20.31 -0.10 10.23
C LEU A 480 21.73 -0.49 10.57
N GLU A 481 22.19 -0.15 11.78
CA GLU A 481 23.57 -0.46 12.20
C GLU A 481 23.62 -1.38 13.44
N ASP A 482 22.46 -1.76 13.98
CA ASP A 482 22.32 -2.16 15.39
C ASP A 482 22.54 -3.66 15.68
N LEU A 483 23.46 -4.32 14.96
CA LEU A 483 23.71 -5.77 15.11
C LEU A 483 22.44 -6.62 14.84
N LEU A 484 21.73 -7.02 15.91
CA LEU A 484 20.50 -7.83 15.81
C LEU A 484 19.31 -7.04 15.29
N ASN A 485 18.30 -7.75 14.78
CA ASN A 485 17.14 -7.09 14.25
C ASN A 485 15.89 -7.82 14.68
N PRO A 486 15.21 -7.31 15.70
CA PRO A 486 13.99 -7.92 16.18
C PRO A 486 12.69 -7.36 15.59
N ILE A 487 12.65 -6.10 15.16
CA ILE A 487 11.43 -5.54 14.53
C ILE A 487 11.31 -5.98 13.06
N GLY A 488 12.24 -6.84 12.62
CA GLY A 488 12.18 -7.45 11.28
C GLY A 488 11.28 -8.67 11.15
N VAL A 489 10.93 -8.99 9.92
CA VAL A 489 9.94 -10.06 9.63
C VAL A 489 10.42 -11.46 10.01
N THR A 490 9.50 -12.34 10.37
CA THR A 490 9.87 -13.62 10.95
C THR A 490 9.65 -14.77 9.99
N GLY A 491 10.74 -15.34 9.47
CA GLY A 491 10.71 -16.55 8.60
C GLY A 491 11.96 -16.78 7.74
N SER A 492 12.05 -17.90 7.02
CA SER A 492 13.16 -18.10 6.06
C SER A 492 13.04 -17.14 4.84
N ASN A 493 14.17 -16.62 4.37
CA ASN A 493 14.25 -15.81 3.14
C ASN A 493 13.83 -16.70 1.97
N PRO A 494 12.75 -16.32 1.29
CA PRO A 494 12.31 -17.08 0.14
C PRO A 494 13.41 -17.19 -0.90
N ASN A 495 14.20 -16.13 -1.04
CA ASN A 495 15.40 -16.13 -1.87
C ASN A 495 16.40 -17.18 -1.36
N LYS A 496 16.50 -18.27 -2.10
CA LYS A 496 17.33 -19.37 -1.70
C LYS A 496 18.79 -19.10 -1.97
N GLU A 497 19.09 -18.19 -2.90
CA GLU A 497 20.50 -17.84 -3.23
C GLU A 497 21.09 -16.81 -2.24
N THR A 498 20.99 -17.13 -0.94
CA THR A 498 21.38 -16.25 0.17
C THR A 498 22.04 -17.04 1.29
N PRO A 499 22.77 -16.34 2.19
CA PRO A 499 23.37 -17.02 3.33
C PRO A 499 22.37 -17.93 4.06
N CYS A 500 22.71 -19.20 4.20
CA CYS A 500 21.83 -20.15 4.87
C CYS A 500 22.50 -20.72 6.10
N LEU A 501 21.99 -20.33 7.27
CA LEU A 501 22.53 -20.79 8.56
C LEU A 501 21.69 -21.93 9.16
N GLU A 502 22.38 -22.94 9.67
CA GLU A 502 21.71 -24.14 10.18
C GLU A 502 21.65 -24.18 11.69
N LEU A 503 20.53 -24.70 12.22
CA LEU A 503 20.31 -24.81 13.67
C LEU A 503 19.85 -26.21 14.09
N GLU A 504 20.04 -26.50 15.38
CA GLU A 504 19.41 -27.66 16.01
C GLU A 504 18.86 -27.24 17.38
N PHE A 505 17.55 -27.29 17.53
CA PHE A 505 16.92 -27.17 18.84
C PHE A 505 16.89 -28.52 19.51
N ASP A 506 16.42 -28.54 20.76
CA ASP A 506 16.27 -29.80 21.47
C ASP A 506 14.98 -30.50 21.07
N TRP A 507 15.06 -31.81 21.10
CA TRP A 507 13.92 -32.68 21.01
C TRP A 507 13.76 -33.21 22.41
N PHE A 508 12.54 -33.24 22.91
CA PHE A 508 12.27 -33.88 24.20
C PHE A 508 11.45 -35.15 23.99
N SER A 509 11.31 -35.90 25.07
CA SER A 509 10.68 -37.21 25.06
C SER A 509 9.67 -37.33 23.91
N SER A 510 8.69 -36.42 23.90
CA SER A 510 7.69 -36.36 22.84
C SER A 510 7.43 -34.88 22.43
N VAL A 511 6.50 -34.61 21.50
CA VAL A 511 6.28 -33.25 20.95
C VAL A 511 5.68 -32.32 21.98
N VAL A 512 6.39 -31.21 22.26
CA VAL A 512 6.00 -30.26 23.33
C VAL A 512 5.02 -29.20 22.85
N LYS A 513 3.97 -28.97 23.62
CA LYS A 513 2.96 -28.00 23.26
C LYS A 513 2.66 -26.99 24.35
N PHE A 514 2.45 -25.74 23.92
CA PHE A 514 2.10 -24.65 24.82
C PHE A 514 0.69 -24.89 25.35
N PRO A 515 0.45 -24.62 26.62
CA PRO A 515 -0.86 -24.91 27.23
C PRO A 515 -1.98 -24.05 26.70
N ASP A 516 -3.21 -24.47 26.90
CA ASP A 516 -4.34 -23.68 26.45
C ASP A 516 -4.93 -22.92 27.61
N MET A 517 -5.90 -22.07 27.28
CA MET A 517 -6.41 -21.06 28.18
C MET A 517 -6.83 -21.66 29.49
N SER A 518 -7.71 -22.66 29.45
CA SER A 518 -8.31 -23.17 30.66
C SER A 518 -7.24 -23.62 31.68
N VAL A 519 -6.18 -24.29 31.21
CA VAL A 519 -5.10 -24.77 32.11
C VAL A 519 -4.34 -23.60 32.74
N ILE A 520 -4.20 -22.51 32.00
CA ILE A 520 -3.47 -21.34 32.48
C ILE A 520 -4.26 -20.65 33.57
N GLU A 521 -5.57 -20.58 33.37
CA GLU A 521 -6.45 -19.92 34.30
C GLU A 521 -6.47 -20.65 35.63
N GLU A 522 -6.21 -21.96 35.58
CA GLU A 522 -6.04 -22.74 36.80
C GLU A 522 -4.80 -22.28 37.57
N HIS A 523 -3.72 -21.99 36.85
CA HIS A 523 -2.47 -21.50 37.45
C HIS A 523 -2.58 -20.04 37.88
N ALA A 524 -3.41 -19.30 37.16
CA ALA A 524 -3.63 -17.91 37.47
C ALA A 524 -4.34 -17.77 38.80
N ASN A 525 -5.27 -18.69 39.10
CA ASN A 525 -6.00 -18.67 40.38
C ASN A 525 -5.22 -19.28 41.52
N TRP A 526 -4.36 -20.22 41.13
CA TRP A 526 -3.45 -20.91 42.05
C TRP A 526 -2.46 -19.90 42.67
N SER A 527 -1.84 -19.08 41.81
CA SER A 527 -0.94 -18.01 42.29
C SER A 527 -1.72 -16.98 43.13
N VAL A 528 -2.85 -16.49 42.62
CA VAL A 528 -3.72 -15.59 43.40
C VAL A 528 -4.54 -16.36 44.45
N ASN A 554 -6.20 9.51 47.70
CA ASN A 554 -4.87 8.91 47.63
C ASN A 554 -4.04 9.60 46.53
N ASP A 555 -2.73 9.64 46.73
CA ASP A 555 -1.77 10.18 45.74
C ASP A 555 -1.22 9.06 44.84
N LYS A 556 -1.56 7.83 45.20
CA LYS A 556 -1.44 6.70 44.30
C LYS A 556 -2.53 6.85 43.26
N GLU A 557 -3.75 7.23 43.68
CA GLU A 557 -4.86 7.47 42.75
C GLU A 557 -4.54 8.44 41.59
N GLN A 558 -3.64 9.40 41.84
CA GLN A 558 -3.29 10.43 40.85
C GLN A 558 -2.02 10.15 40.06
N LEU A 559 -1.50 8.92 40.17
CA LEU A 559 -0.54 8.37 39.20
C LEU A 559 -1.34 7.70 38.06
N ARG A 560 -2.54 8.19 37.75
CA ARG A 560 -3.15 7.97 36.43
C ARG A 560 -2.58 8.97 35.42
N ALA A 561 -1.86 9.97 35.94
CA ALA A 561 -0.99 10.83 35.14
C ALA A 561 0.13 10.01 34.46
N LEU A 562 0.17 8.71 34.75
CA LEU A 562 0.94 7.71 33.97
C LEU A 562 0.28 7.47 32.60
N CYS A 563 -1.04 7.34 32.56
CA CYS A 563 -1.76 7.08 31.30
C CYS A 563 -2.08 8.36 30.50
N THR A 564 -1.91 9.52 31.12
CA THR A 564 -1.94 10.77 30.37
C THR A 564 -0.54 11.10 29.93
N ARG A 565 -0.06 10.35 28.94
CA ARG A 565 1.36 10.32 28.61
C ARG A 565 1.55 9.69 27.23
N ASP A 566 2.51 10.21 26.46
CA ASP A 566 2.85 9.64 25.14
C ASP A 566 3.41 8.23 25.27
N PRO A 567 3.06 7.35 24.32
CA PRO A 567 3.39 5.94 24.45
C PRO A 567 4.85 5.62 24.20
N LEU A 568 5.64 6.50 23.59
CA LEU A 568 7.08 6.23 23.51
C LEU A 568 7.87 7.03 24.55
N SER A 569 7.27 7.29 25.70
CA SER A 569 7.89 8.09 26.78
C SER A 569 8.87 7.32 27.69
N GLU A 570 8.65 6.02 27.81
CA GLU A 570 9.35 5.15 28.77
C GLU A 570 8.95 5.38 30.24
N ILE A 571 9.06 4.29 31.01
CA ILE A 571 8.68 4.30 32.41
C ILE A 571 9.71 3.56 33.28
N THR A 572 10.10 4.22 34.37
CA THR A 572 11.13 3.74 35.26
C THR A 572 10.70 2.49 36.00
N GLU A 573 11.67 1.85 36.63
CA GLU A 573 11.40 0.58 37.25
C GLU A 573 10.40 0.69 38.39
N GLN A 574 10.36 1.83 39.08
CA GLN A 574 9.33 2.05 40.13
C GLN A 574 7.97 2.10 39.46
N GLU A 575 7.91 2.76 38.31
CA GLU A 575 6.66 3.01 37.60
C GLU A 575 6.09 1.71 37.05
N LYS A 576 6.99 0.83 36.58
CA LYS A 576 6.61 -0.53 36.17
C LYS A 576 6.04 -1.30 37.37
N ASP A 577 6.81 -1.32 38.45
CA ASP A 577 6.45 -2.01 39.70
C ASP A 577 5.15 -1.46 40.28
N PHE A 578 4.98 -0.16 40.24
CA PHE A 578 3.76 0.46 40.76
C PHE A 578 2.57 0.01 39.94
N LEU A 579 2.65 0.19 38.63
CA LEU A 579 1.57 -0.21 37.73
C LEU A 579 1.16 -1.65 38.03
N TRP A 580 2.16 -2.53 37.99
CA TRP A 580 1.97 -3.99 38.23
C TRP A 580 1.38 -4.24 39.59
N SER A 581 1.89 -3.49 40.58
CA SER A 581 1.50 -3.65 41.96
C SER A 581 0.00 -3.45 42.06
N HIS A 582 -0.54 -2.41 41.43
CA HIS A 582 -1.96 -2.09 41.61
C HIS A 582 -2.84 -2.50 40.43
N ARG A 583 -2.51 -3.61 39.79
CA ARG A 583 -3.18 -4.09 38.56
C ARG A 583 -4.68 -4.38 38.69
N HIS A 584 -5.11 -4.89 39.83
CA HIS A 584 -6.53 -5.13 40.03
C HIS A 584 -7.26 -3.80 40.07
N TYR A 585 -6.64 -2.83 40.76
CA TYR A 585 -7.16 -1.48 40.81
C TYR A 585 -7.25 -0.85 39.40
N CYS A 586 -6.38 -1.28 38.50
CA CYS A 586 -6.26 -0.69 37.17
C CYS A 586 -7.49 -0.84 36.27
N VAL A 587 -8.26 -1.90 36.44
CA VAL A 587 -9.37 -2.20 35.52
C VAL A 587 -10.40 -1.07 35.37
N THR A 588 -10.48 -0.16 36.33
CA THR A 588 -11.40 0.95 36.25
C THR A 588 -10.82 2.23 35.59
N ILE A 589 -9.54 2.22 35.22
CA ILE A 589 -8.94 3.27 34.34
C ILE A 589 -8.43 2.54 33.07
N PRO A 590 -9.36 2.09 32.22
CA PRO A 590 -9.00 1.14 31.15
C PRO A 590 -7.96 1.69 30.15
N GLU A 591 -7.80 3.00 30.14
CA GLU A 591 -6.83 3.62 29.29
C GLU A 591 -5.42 3.03 29.50
N ILE A 592 -5.06 2.67 30.73
CA ILE A 592 -3.65 2.36 31.05
C ILE A 592 -3.12 1.00 30.58
N LEU A 593 -3.96 0.22 29.92
CA LEU A 593 -3.60 -1.14 29.54
C LEU A 593 -2.26 -1.26 28.83
N PRO A 594 -1.96 -0.38 27.84
CA PRO A 594 -0.68 -0.46 27.12
C PRO A 594 0.51 -0.23 27.99
N LYS A 595 0.31 0.45 29.13
CA LYS A 595 1.38 0.70 30.10
C LYS A 595 1.45 -0.39 31.15
N LEU A 596 0.30 -0.97 31.48
CA LEU A 596 0.24 -2.13 32.39
C LEU A 596 0.89 -3.32 31.73
N LEU A 597 0.48 -3.61 30.48
CA LEU A 597 1.05 -4.67 29.65
C LEU A 597 2.58 -4.51 29.56
N LEU A 598 3.03 -3.29 29.31
CA LEU A 598 4.46 -2.97 29.31
C LEU A 598 5.14 -3.13 30.68
N SER A 599 4.39 -3.42 31.73
CA SER A 599 4.98 -3.60 33.05
C SER A 599 4.93 -5.06 33.54
N VAL A 600 4.85 -5.98 32.60
CA VAL A 600 4.74 -7.38 32.97
C VAL A 600 6.02 -8.09 32.53
N LYS A 601 6.69 -8.75 33.47
CA LYS A 601 7.84 -9.56 33.13
C LYS A 601 7.25 -10.63 32.28
N TRP A 602 7.49 -10.56 30.98
CA TRP A 602 6.96 -11.58 30.09
C TRP A 602 7.71 -12.87 30.31
N ASN A 603 8.97 -12.74 30.71
CA ASN A 603 9.77 -13.87 31.14
C ASN A 603 9.42 -14.31 32.55
N SER A 604 8.12 -14.45 32.80
CA SER A 604 7.61 -14.76 34.12
C SER A 604 7.00 -16.12 34.26
N ARG A 605 5.87 -16.34 33.55
CA ARG A 605 4.98 -17.53 33.68
C ARG A 605 3.77 -17.17 34.53
N ASP A 606 4.03 -16.76 35.79
CA ASP A 606 3.01 -16.48 36.80
C ASP A 606 2.36 -15.13 36.55
N GLU A 607 3.20 -14.17 36.21
CA GLU A 607 2.73 -12.84 35.92
C GLU A 607 1.96 -12.87 34.63
N VAL A 608 2.51 -13.47 33.58
CA VAL A 608 1.79 -13.50 32.32
C VAL A 608 0.45 -14.18 32.48
N ALA A 609 0.39 -15.24 33.28
CA ALA A 609 -0.88 -15.98 33.49
C ALA A 609 -1.94 -15.14 34.21
N GLN A 610 -1.52 -14.37 35.20
CA GLN A 610 -2.44 -13.46 35.92
C GLN A 610 -2.92 -12.41 34.93
N MET A 611 -2.00 -11.98 34.07
CA MET A 611 -2.32 -10.97 33.08
C MET A 611 -3.33 -11.53 32.08
N TYR A 612 -3.03 -12.69 31.51
CA TYR A 612 -3.96 -13.35 30.55
C TYR A 612 -5.37 -13.44 31.14
N CYS A 613 -5.43 -13.53 32.46
CA CYS A 613 -6.68 -13.57 33.16
C CYS A 613 -7.37 -12.21 33.21
N LEU A 614 -6.60 -11.15 33.41
CA LEU A 614 -7.16 -9.78 33.43
C LEU A 614 -7.67 -9.36 32.06
N VAL A 615 -6.81 -9.51 31.04
CA VAL A 615 -7.13 -9.12 29.66
C VAL A 615 -8.32 -9.86 29.05
N LYS A 616 -8.61 -11.06 29.54
CA LYS A 616 -9.80 -11.80 29.10
C LYS A 616 -11.02 -10.93 29.27
N ASP A 617 -11.20 -10.47 30.51
CA ASP A 617 -12.40 -9.72 30.90
C ASP A 617 -12.12 -8.24 31.16
N TRP A 618 -11.13 -7.67 30.48
CA TRP A 618 -10.84 -6.25 30.59
C TRP A 618 -11.95 -5.51 29.86
N PRO A 619 -12.33 -4.33 30.37
CA PRO A 619 -13.42 -3.55 29.79
C PRO A 619 -12.99 -2.82 28.55
N PRO A 620 -13.82 -2.81 27.49
CA PRO A 620 -13.36 -2.36 26.17
C PRO A 620 -12.90 -0.91 26.15
N ILE A 621 -12.00 -0.58 25.21
CA ILE A 621 -11.47 0.77 25.11
C ILE A 621 -11.64 1.36 23.70
N LYS A 622 -11.47 2.68 23.58
CA LYS A 622 -11.65 3.41 22.30
C LYS A 622 -10.78 2.85 21.17
N PRO A 623 -11.37 2.67 19.97
CA PRO A 623 -10.69 2.14 18.79
C PRO A 623 -9.27 2.63 18.61
N GLU A 624 -9.07 3.92 18.80
CA GLU A 624 -7.77 4.51 18.56
C GLU A 624 -6.73 4.03 19.56
N GLN A 625 -7.03 4.11 20.86
CA GLN A 625 -6.08 3.65 21.88
C GLN A 625 -5.92 2.13 21.86
N ALA A 626 -6.92 1.38 21.41
CA ALA A 626 -6.79 -0.08 21.27
C ALA A 626 -5.87 -0.48 20.09
N MET A 627 -5.93 0.26 18.98
CA MET A 627 -5.10 -0.09 17.80
C MET A 627 -3.61 0.25 18.00
N GLU A 628 -3.28 0.84 19.14
CA GLU A 628 -1.89 0.87 19.58
C GLU A 628 -1.46 -0.54 19.87
N LEU A 629 -2.36 -1.31 20.48
CA LEU A 629 -2.06 -2.66 20.93
C LEU A 629 -1.90 -3.61 19.79
N LEU A 630 -2.26 -3.19 18.58
CA LEU A 630 -1.93 -3.98 17.37
C LEU A 630 -0.60 -3.61 16.69
N ASP A 631 0.21 -2.71 17.29
CA ASP A 631 1.52 -2.33 16.71
C ASP A 631 2.57 -3.34 17.04
N CYS A 632 3.80 -3.09 16.65
CA CYS A 632 4.83 -4.13 16.79
C CYS A 632 5.27 -4.45 18.24
N ASN A 633 4.95 -3.58 19.19
CA ASN A 633 5.36 -3.78 20.59
C ASN A 633 4.42 -4.60 21.47
N TYR A 634 3.30 -5.02 20.91
CA TYR A 634 2.35 -5.87 21.61
C TYR A 634 2.11 -7.09 20.75
N PRO A 635 2.97 -8.10 20.93
CA PRO A 635 3.01 -9.27 20.06
C PRO A 635 2.30 -10.48 20.61
N ASP A 636 1.67 -10.33 21.75
CA ASP A 636 1.00 -11.44 22.39
C ASP A 636 -0.39 -11.69 21.79
N PRO A 637 -0.75 -12.95 21.52
CA PRO A 637 -2.07 -13.25 20.97
C PRO A 637 -3.24 -12.82 21.85
N MET A 638 -3.06 -12.88 23.16
CA MET A 638 -4.14 -12.51 24.06
C MET A 638 -4.42 -11.02 23.98
N VAL A 639 -3.35 -10.25 24.11
CA VAL A 639 -3.39 -8.82 23.94
C VAL A 639 -4.16 -8.43 22.69
N ARG A 640 -3.70 -8.96 21.55
CA ARG A 640 -4.19 -8.57 20.21
C ARG A 640 -5.61 -8.99 19.96
N SER A 641 -5.98 -10.15 20.52
CA SER A 641 -7.36 -10.61 20.48
C SER A 641 -8.26 -9.50 20.98
N PHE A 642 -7.91 -8.99 22.17
CA PHE A 642 -8.62 -7.90 22.83
C PHE A 642 -8.64 -6.61 22.00
N ALA A 643 -7.58 -6.35 21.26
CA ALA A 643 -7.57 -5.20 20.34
C ALA A 643 -8.59 -5.40 19.23
N VAL A 644 -8.69 -6.60 18.69
CA VAL A 644 -9.59 -6.84 17.58
C VAL A 644 -11.01 -6.86 18.07
N ARG A 645 -11.24 -7.42 19.24
CA ARG A 645 -12.60 -7.45 19.82
C ARG A 645 -13.09 -6.03 20.03
N CYS A 646 -12.21 -5.14 20.43
CA CYS A 646 -12.51 -3.72 20.53
C CYS A 646 -12.91 -3.21 19.18
N LEU A 647 -12.08 -3.51 18.18
CA LEU A 647 -12.34 -3.01 16.82
C LEU A 647 -13.70 -3.39 16.23
N GLU A 648 -14.16 -4.60 16.51
CA GLU A 648 -15.38 -5.03 15.86
C GLU A 648 -16.59 -4.46 16.59
N LYS A 649 -16.41 -4.02 17.84
CA LYS A 649 -17.52 -3.37 18.60
C LYS A 649 -17.71 -1.91 18.26
N TYR A 650 -16.63 -1.18 18.31
CA TYR A 650 -16.61 0.21 17.96
C TYR A 650 -15.97 0.28 16.60
N LEU A 651 -15.34 1.39 16.26
CA LEU A 651 -14.68 1.56 14.95
C LEU A 651 -15.66 1.38 13.81
N THR A 652 -16.28 2.51 13.48
CA THR A 652 -17.19 2.62 12.36
C THR A 652 -16.57 2.25 10.96
N ASP A 653 -17.41 1.87 9.99
CA ASP A 653 -16.97 1.66 8.59
C ASP A 653 -16.34 2.94 8.02
N ASP A 654 -16.77 4.10 8.53
CA ASP A 654 -16.07 5.38 8.26
C ASP A 654 -14.60 5.34 8.74
N LYS A 655 -14.41 5.29 10.05
CA LYS A 655 -13.06 5.38 10.61
C LYS A 655 -12.22 4.15 10.30
N LEU A 656 -12.84 3.01 10.02
CA LEU A 656 -12.07 1.87 9.47
C LEU A 656 -11.44 2.28 8.16
N SER A 657 -12.22 2.87 7.25
CA SER A 657 -11.64 3.18 5.96
C SER A 657 -10.54 4.23 6.15
N GLN A 658 -10.77 5.18 7.04
CA GLN A 658 -9.78 6.19 7.38
C GLN A 658 -8.44 5.60 7.69
N TYR A 659 -8.40 4.76 8.73
CA TYR A 659 -7.14 4.17 9.19
C TYR A 659 -6.72 2.89 8.44
N LEU A 660 -7.22 2.66 7.22
CA LEU A 660 -7.02 1.34 6.60
C LEU A 660 -5.58 1.17 6.23
N ILE A 661 -4.97 2.24 5.75
CA ILE A 661 -3.53 2.24 5.46
C ILE A 661 -2.74 1.59 6.60
N GLN A 662 -3.07 1.95 7.84
CA GLN A 662 -2.31 1.55 9.05
C GLN A 662 -2.57 0.11 9.52
N LEU A 663 -3.79 -0.34 9.37
CA LEU A 663 -4.16 -1.66 9.80
C LEU A 663 -3.64 -2.77 8.84
N VAL A 664 -3.42 -2.43 7.59
CA VAL A 664 -2.93 -3.39 6.63
C VAL A 664 -1.44 -3.57 6.86
N GLN A 665 -0.73 -2.52 7.23
CA GLN A 665 0.73 -2.65 7.47
C GLN A 665 1.06 -3.28 8.81
N VAL A 666 0.04 -3.45 9.63
CA VAL A 666 0.25 -3.90 10.99
C VAL A 666 -0.03 -5.38 11.07
N LEU A 667 -0.50 -5.95 9.97
CA LEU A 667 -0.62 -7.40 9.86
C LEU A 667 0.76 -7.97 9.88
N LYS A 668 1.71 -7.18 9.37
CA LYS A 668 3.04 -7.65 9.14
C LYS A 668 3.58 -8.22 10.40
N TYR A 669 3.04 -7.81 11.55
CA TYR A 669 3.52 -8.29 12.83
C TYR A 669 2.62 -9.34 13.49
N GLU A 670 2.33 -10.48 12.86
CA GLU A 670 1.36 -11.38 13.49
C GLU A 670 1.71 -12.89 13.52
N GLN A 671 2.99 -13.24 13.39
CA GLN A 671 3.49 -14.62 13.63
C GLN A 671 2.89 -15.62 12.66
N TYR A 672 1.56 -15.73 12.66
CA TYR A 672 0.90 -16.74 11.86
C TYR A 672 -0.12 -16.15 10.93
N LEU A 673 -0.33 -16.79 9.79
CA LEU A 673 -1.13 -16.23 8.71
C LEU A 673 -2.58 -16.05 9.13
N ASP A 674 -3.10 -17.00 9.89
CA ASP A 674 -4.48 -16.98 10.30
C ASP A 674 -4.59 -16.45 11.73
N ASN A 675 -4.95 -15.19 11.83
CA ASN A 675 -5.06 -14.54 13.11
C ASN A 675 -6.32 -13.74 13.08
N LEU A 676 -6.85 -13.41 14.26
CA LEU A 676 -8.17 -12.75 14.37
C LEU A 676 -8.26 -11.42 13.58
N LEU A 677 -7.16 -10.71 13.40
CA LEU A 677 -7.17 -9.47 12.67
C LEU A 677 -7.44 -9.76 11.20
N VAL A 678 -6.63 -10.61 10.56
CA VAL A 678 -6.84 -10.92 9.13
C VAL A 678 -8.29 -11.28 8.85
N ARG A 679 -8.88 -12.04 9.78
CA ARG A 679 -10.30 -12.39 9.69
C ARG A 679 -11.16 -11.14 9.66
N PHE A 680 -11.01 -10.30 10.67
CA PHE A 680 -11.86 -9.11 10.80
C PHE A 680 -11.81 -8.18 9.58
N LEU A 681 -10.61 -7.96 9.07
CA LEU A 681 -10.42 -7.14 7.88
C LEU A 681 -11.06 -7.76 6.62
N LEU A 682 -10.87 -9.06 6.44
CA LEU A 682 -11.39 -9.69 5.27
C LEU A 682 -12.91 -9.60 5.27
N LYS A 683 -13.54 -9.86 6.41
CA LYS A 683 -15.02 -9.77 6.50
C LYS A 683 -15.53 -8.39 6.13
N LYS A 684 -14.82 -7.38 6.59
CA LYS A 684 -15.19 -6.01 6.30
C LYS A 684 -14.98 -5.66 4.84
N ALA A 685 -13.93 -6.19 4.23
CA ALA A 685 -13.67 -5.99 2.81
C ALA A 685 -14.78 -6.60 1.89
N LEU A 686 -15.43 -7.64 2.40
CA LEU A 686 -16.44 -8.39 1.67
C LEU A 686 -17.87 -7.98 2.11
N THR A 687 -17.93 -7.17 3.17
CA THR A 687 -19.15 -6.56 3.65
C THR A 687 -19.37 -5.22 2.95
N ASN A 688 -18.28 -4.54 2.61
CA ASN A 688 -18.34 -3.16 2.09
C ASN A 688 -17.30 -3.00 0.97
N GLN A 689 -17.70 -2.88 -0.29
CA GLN A 689 -16.68 -2.99 -1.31
C GLN A 689 -15.93 -1.70 -1.48
N ARG A 690 -16.32 -0.67 -0.76
CA ARG A 690 -15.48 0.52 -0.69
C ARG A 690 -14.26 0.24 0.15
N ILE A 691 -14.42 -0.45 1.27
CA ILE A 691 -13.26 -0.93 2.00
C ILE A 691 -12.51 -1.92 1.15
N GLY A 692 -13.23 -2.86 0.57
CA GLY A 692 -12.60 -3.90 -0.20
C GLY A 692 -11.68 -3.27 -1.23
N HIS A 693 -12.16 -2.23 -1.90
CA HIS A 693 -11.41 -1.66 -2.99
C HIS A 693 -9.97 -1.20 -2.56
N PHE A 694 -9.92 -0.42 -1.49
CA PHE A 694 -8.66 0.02 -0.93
C PHE A 694 -7.94 -1.11 -0.20
N PHE A 695 -8.66 -1.95 0.49
CA PHE A 695 -8.03 -3.10 1.13
C PHE A 695 -7.25 -3.93 0.10
N PHE A 696 -7.73 -3.94 -1.14
CA PHE A 696 -7.09 -4.70 -2.21
C PHE A 696 -5.88 -4.00 -2.66
N TRP A 697 -6.07 -2.73 -3.01
CA TRP A 697 -5.00 -1.94 -3.60
C TRP A 697 -3.86 -1.75 -2.58
N HIS A 698 -4.20 -1.52 -1.33
CA HIS A 698 -3.20 -1.38 -0.29
C HIS A 698 -2.37 -2.66 -0.16
N LEU A 699 -3.00 -3.82 -0.24
CA LEU A 699 -2.25 -5.08 -0.28
C LEU A 699 -1.43 -5.30 -1.60
N LYS A 700 -1.97 -4.94 -2.76
CA LYS A 700 -1.25 -5.13 -4.00
C LYS A 700 -0.01 -4.22 -4.11
N SER A 701 -0.06 -3.11 -3.38
CA SER A 701 1.03 -2.15 -3.31
C SER A 701 2.29 -2.84 -2.86
N GLU A 702 2.19 -3.70 -1.84
CA GLU A 702 3.37 -4.36 -1.30
C GLU A 702 3.63 -5.78 -1.89
N MET A 703 3.19 -6.02 -3.12
CA MET A 703 3.26 -7.36 -3.70
C MET A 703 4.59 -7.65 -4.44
N HIS A 704 5.29 -6.61 -4.85
CA HIS A 704 6.64 -6.76 -5.35
C HIS A 704 7.53 -7.21 -4.17
N ASN A 705 7.15 -6.85 -2.94
CA ASN A 705 8.03 -6.99 -1.74
C ASN A 705 7.95 -8.34 -1.10
N LYS A 706 9.08 -9.09 -1.12
CA LYS A 706 9.12 -10.54 -0.76
C LYS A 706 8.93 -10.86 0.74
N THR A 707 9.16 -9.86 1.59
CA THR A 707 8.85 -9.93 3.00
C THR A 707 7.45 -10.39 3.26
N VAL A 708 6.49 -9.70 2.62
CA VAL A 708 5.10 -10.00 2.85
C VAL A 708 4.42 -10.58 1.59
N SER A 709 5.19 -10.84 0.54
CA SER A 709 4.63 -11.32 -0.70
C SER A 709 3.77 -12.55 -0.53
N GLN A 710 4.22 -13.46 0.34
CA GLN A 710 3.51 -14.71 0.62
C GLN A 710 2.20 -14.42 1.30
N ARG A 711 2.28 -13.62 2.38
CA ARG A 711 1.16 -13.40 3.33
C ARG A 711 0.02 -12.68 2.70
N PHE A 712 0.41 -11.61 2.01
CA PHE A 712 -0.49 -10.77 1.26
C PHE A 712 -1.00 -11.47 0.02
N GLY A 713 -0.20 -12.37 -0.52
CA GLY A 713 -0.66 -13.21 -1.62
C GLY A 713 -1.90 -14.01 -1.25
N LEU A 714 -1.78 -14.86 -0.25
CA LEU A 714 -2.86 -15.78 0.06
C LEU A 714 -4.13 -15.01 0.51
N LEU A 715 -3.91 -13.86 1.18
CA LEU A 715 -5.00 -13.01 1.67
C LEU A 715 -5.73 -12.37 0.49
N LEU A 716 -4.94 -11.88 -0.45
CA LEU A 716 -5.44 -11.13 -1.58
C LEU A 716 -6.23 -12.07 -2.49
N GLU A 717 -5.81 -13.32 -2.58
CA GLU A 717 -6.53 -14.38 -3.31
C GLU A 717 -7.93 -14.59 -2.77
N SER A 718 -7.97 -14.69 -1.44
CA SER A 718 -9.21 -14.92 -0.74
C SER A 718 -10.14 -13.72 -0.83
N TYR A 719 -9.61 -12.51 -1.00
CA TYR A 719 -10.47 -11.36 -1.32
C TYR A 719 -11.04 -11.54 -2.69
N CYS A 720 -10.20 -11.95 -3.61
CA CYS A 720 -10.61 -12.05 -5.00
C CYS A 720 -11.66 -13.11 -5.32
N ARG A 721 -11.74 -14.18 -4.52
CA ARG A 721 -12.82 -15.15 -4.72
C ARG A 721 -14.14 -14.56 -4.27
N ALA A 722 -14.14 -14.08 -3.05
CA ALA A 722 -15.37 -13.68 -2.39
C ALA A 722 -15.91 -12.31 -2.84
N CYS A 723 -15.24 -11.58 -3.74
CA CYS A 723 -15.68 -10.19 -3.97
C CYS A 723 -16.83 -10.03 -4.97
N GLY A 724 -17.27 -11.13 -5.54
CA GLY A 724 -18.40 -11.07 -6.43
C GLY A 724 -17.88 -10.49 -7.71
N MET A 725 -18.59 -9.49 -8.23
CA MET A 725 -18.29 -9.00 -9.57
C MET A 725 -17.30 -7.88 -9.60
N TYR A 726 -16.85 -7.42 -8.44
CA TYR A 726 -15.86 -6.35 -8.44
C TYR A 726 -14.56 -6.84 -9.03
N LEU A 727 -14.33 -8.13 -9.03
CA LEU A 727 -13.16 -8.69 -9.73
C LEU A 727 -13.17 -8.40 -11.22
N LYS A 728 -14.33 -8.20 -11.82
CA LYS A 728 -14.36 -7.76 -13.21
C LYS A 728 -13.74 -6.38 -13.26
N HIS A 729 -14.14 -5.53 -12.30
CA HIS A 729 -13.71 -4.13 -12.27
C HIS A 729 -12.30 -3.87 -11.70
N LEU A 730 -11.83 -4.72 -10.81
CA LEU A 730 -10.46 -4.64 -10.37
C LEU A 730 -9.55 -5.02 -11.53
N ASN A 731 -9.97 -6.02 -12.30
CA ASN A 731 -9.20 -6.50 -13.44
C ASN A 731 -9.07 -5.40 -14.43
N ARG A 732 -10.19 -4.75 -14.70
CA ARG A 732 -10.21 -3.70 -15.69
C ARG A 732 -9.18 -2.63 -15.41
N GLN A 733 -9.03 -2.30 -14.12
CA GLN A 733 -8.11 -1.26 -13.69
C GLN A 733 -6.68 -1.73 -13.54
N VAL A 734 -6.44 -2.92 -13.01
CA VAL A 734 -5.08 -3.46 -12.98
C VAL A 734 -4.49 -3.64 -14.38
N GLU A 735 -5.31 -3.94 -15.36
CA GLU A 735 -4.84 -3.98 -16.73
C GLU A 735 -4.53 -2.55 -17.24
N ALA A 736 -5.35 -1.58 -16.82
CA ALA A 736 -5.14 -0.17 -17.19
C ALA A 736 -3.82 0.40 -16.67
N MET A 737 -3.55 0.22 -15.39
CA MET A 737 -2.33 0.70 -14.78
C MET A 737 -1.12 0.01 -15.39
N GLU A 738 -1.26 -1.26 -15.70
CA GLU A 738 -0.16 -1.99 -16.29
C GLU A 738 0.19 -1.36 -17.63
N LYS A 739 -0.80 -0.94 -18.40
CA LYS A 739 -0.52 -0.30 -19.68
C LYS A 739 0.27 0.99 -19.50
N LEU A 740 -0.10 1.80 -18.49
CA LEU A 740 0.62 3.03 -18.19
C LEU A 740 2.04 2.75 -17.70
N ILE A 741 2.17 1.79 -16.79
CA ILE A 741 3.47 1.45 -16.22
C ILE A 741 4.48 1.20 -17.31
N ASN A 742 4.08 0.33 -18.21
CA ASN A 742 4.87 -0.12 -19.32
C ASN A 742 5.05 0.95 -20.38
N LEU A 743 4.09 1.83 -20.53
CA LEU A 743 4.25 2.95 -21.46
C LEU A 743 5.31 3.93 -20.96
N THR A 744 5.22 4.31 -19.70
CA THR A 744 6.21 5.22 -19.12
C THR A 744 7.60 4.55 -18.97
N ASP A 745 7.64 3.24 -18.84
CA ASP A 745 8.91 2.53 -18.85
C ASP A 745 9.60 2.73 -20.19
N ILE A 746 8.85 2.87 -21.27
CA ILE A 746 9.47 3.16 -22.55
C ILE A 746 10.06 4.57 -22.51
N LEU A 747 9.33 5.54 -21.97
CA LEU A 747 9.78 6.93 -22.01
C LEU A 747 10.98 7.14 -21.15
N LYS A 748 11.10 6.34 -20.07
CA LYS A 748 12.24 6.48 -19.15
C LYS A 748 13.46 5.87 -19.79
N GLN A 749 13.47 4.55 -19.85
CA GLN A 749 14.65 3.81 -20.20
C GLN A 749 14.87 3.89 -21.70
N GLU A 750 13.88 3.42 -22.45
CA GLU A 750 14.07 3.10 -23.85
C GLU A 750 14.34 4.36 -24.64
N LYS A 751 14.78 4.11 -25.88
CA LYS A 751 15.20 5.19 -26.77
C LYS A 751 14.10 6.23 -26.89
N LYS A 752 13.81 6.86 -25.74
CA LYS A 752 12.89 7.98 -25.66
C LYS A 752 13.42 8.95 -24.55
N ASP A 753 14.65 9.45 -24.75
CA ASP A 753 15.28 10.51 -23.91
C ASP A 753 15.73 11.70 -24.79
N GLU A 754 14.74 12.54 -25.14
CA GLU A 754 14.90 13.73 -26.01
C GLU A 754 13.74 14.76 -25.81
N THR A 755 13.31 15.45 -26.88
CA THR A 755 12.34 16.56 -26.78
C THR A 755 10.98 16.13 -26.32
N GLN A 756 10.30 17.07 -25.68
CA GLN A 756 8.88 17.01 -25.42
C GLN A 756 8.13 16.69 -26.72
N LYS A 757 8.52 17.31 -27.82
CA LYS A 757 7.82 17.16 -29.11
C LYS A 757 7.76 15.70 -29.58
N VAL A 758 8.91 15.03 -29.62
CA VAL A 758 9.02 13.64 -30.09
C VAL A 758 8.23 12.63 -29.23
N GLN A 759 8.38 12.76 -27.90
CA GLN A 759 7.66 11.93 -26.92
C GLN A 759 6.14 12.16 -26.87
N MET A 760 5.68 13.36 -27.21
CA MET A 760 4.24 13.68 -27.22
C MET A 760 3.51 13.25 -28.50
N LYS A 761 4.19 13.15 -29.65
CA LYS A 761 3.55 12.53 -30.83
C LYS A 761 3.63 11.02 -30.75
N PHE A 762 4.71 10.50 -30.17
CA PHE A 762 4.79 9.06 -29.87
C PHE A 762 3.68 8.63 -28.93
N LEU A 763 3.68 9.18 -27.71
CA LEU A 763 2.69 8.85 -26.68
C LEU A 763 1.26 9.05 -27.21
N VAL A 764 0.98 10.17 -27.86
CA VAL A 764 -0.39 10.46 -28.28
C VAL A 764 -0.80 9.55 -29.44
N GLU A 765 0.15 9.24 -30.34
CA GLU A 765 -0.09 8.26 -31.42
C GLU A 765 -0.26 6.81 -30.88
N GLN A 766 0.53 6.44 -29.88
CA GLN A 766 0.41 5.11 -29.23
C GLN A 766 -0.92 4.94 -28.51
N MET A 767 -1.40 6.01 -27.90
CA MET A 767 -2.64 5.97 -27.17
C MET A 767 -3.89 5.81 -28.04
N ARG A 768 -3.74 6.04 -29.34
CA ARG A 768 -4.86 5.90 -30.26
C ARG A 768 -5.08 4.50 -30.75
N GLN A 769 -4.12 3.63 -30.50
CA GLN A 769 -4.22 2.25 -30.96
C GLN A 769 -5.28 1.51 -30.12
N PRO A 770 -5.95 0.52 -30.72
CA PRO A 770 -7.15 -0.04 -30.14
C PRO A 770 -6.89 -0.68 -28.79
N ASP A 771 -5.87 -1.52 -28.73
CA ASP A 771 -5.56 -2.17 -27.47
C ASP A 771 -5.53 -1.14 -26.36
N PHE A 772 -5.08 0.06 -26.70
CA PHE A 772 -4.88 1.08 -25.70
C PHE A 772 -6.14 1.85 -25.31
N MET A 773 -6.93 2.19 -26.31
CA MET A 773 -8.18 2.91 -26.08
C MET A 773 -9.08 2.07 -25.19
N ASP A 774 -8.98 0.76 -25.30
CA ASP A 774 -9.85 -0.16 -24.54
C ASP A 774 -9.37 -0.40 -23.13
N ALA A 775 -8.06 -0.40 -22.93
CA ALA A 775 -7.48 -0.62 -21.62
C ALA A 775 -7.71 0.58 -20.74
N LEU A 776 -7.62 1.79 -21.32
CA LEU A 776 -7.74 3.01 -20.55
C LEU A 776 -8.96 3.87 -20.90
N GLN A 777 -10.07 3.23 -21.26
CA GLN A 777 -11.33 3.97 -21.40
C GLN A 777 -12.42 3.09 -20.86
N GLY A 778 -13.42 3.73 -20.27
CA GLY A 778 -14.46 2.99 -19.57
C GLY A 778 -13.96 2.08 -18.44
N PHE A 779 -13.50 2.69 -17.35
CA PHE A 779 -13.22 1.94 -16.14
C PHE A 779 -13.31 2.83 -14.95
N LEU A 780 -13.15 2.25 -13.76
CA LEU A 780 -13.22 3.04 -12.52
C LEU A 780 -11.87 3.62 -12.09
N SER A 781 -11.87 4.72 -11.33
CA SER A 781 -10.61 5.34 -10.85
C SER A 781 -10.20 4.74 -9.54
N PRO A 782 -8.96 4.24 -9.49
CA PRO A 782 -8.40 3.66 -8.28
C PRO A 782 -8.34 4.58 -7.09
N LEU A 783 -8.22 5.90 -7.32
CA LEU A 783 -8.25 6.92 -6.25
C LEU A 783 -9.63 6.91 -5.66
N ASN A 784 -10.64 6.83 -6.50
CA ASN A 784 -11.99 6.72 -5.99
C ASN A 784 -12.95 6.13 -7.02
N PRO A 785 -13.46 4.91 -6.73
CA PRO A 785 -14.32 4.15 -7.62
C PRO A 785 -15.65 4.81 -7.87
N ALA A 786 -16.01 5.76 -7.02
CA ALA A 786 -17.18 6.54 -7.25
C ALA A 786 -17.11 7.16 -8.64
N HIS A 787 -16.00 7.83 -9.00
CA HIS A 787 -15.96 8.50 -10.32
C HIS A 787 -15.60 7.50 -11.39
N GLN A 788 -16.35 7.51 -12.48
CA GLN A 788 -16.06 6.66 -13.62
C GLN A 788 -15.15 7.41 -14.54
N LEU A 789 -14.04 6.81 -14.88
CA LEU A 789 -13.21 7.33 -15.94
C LEU A 789 -13.81 6.89 -17.28
N GLY A 790 -14.20 7.87 -18.09
CA GLY A 790 -14.86 7.62 -19.35
C GLY A 790 -13.87 7.55 -20.47
N ASN A 791 -14.07 8.43 -21.47
CA ASN A 791 -13.14 8.55 -22.58
C ASN A 791 -11.95 9.40 -22.23
N LEU A 792 -10.82 9.10 -22.85
CA LEU A 792 -9.66 9.93 -22.72
C LEU A 792 -9.91 11.19 -23.51
N ARG A 793 -9.51 12.32 -22.93
CA ARG A 793 -9.52 13.59 -23.65
C ARG A 793 -8.35 13.66 -24.59
N LEU A 794 -7.19 13.18 -24.12
CA LEU A 794 -6.05 12.82 -24.98
C LEU A 794 -5.31 14.04 -25.49
N GLU A 795 -6.07 15.01 -26.02
CA GLU A 795 -5.56 16.33 -26.35
C GLU A 795 -5.18 17.09 -25.08
N GLU A 796 -5.62 16.62 -23.91
CA GLU A 796 -5.26 17.25 -22.62
C GLU A 796 -4.17 16.49 -21.87
N CYS A 797 -3.84 15.31 -22.37
CA CYS A 797 -2.90 14.46 -21.68
C CYS A 797 -1.45 14.82 -22.10
N ARG A 798 -0.55 14.88 -21.12
CA ARG A 798 0.82 15.39 -21.32
C ARG A 798 1.86 14.80 -20.35
N ILE A 799 3.12 15.22 -20.48
CA ILE A 799 4.21 14.69 -19.69
C ILE A 799 5.02 15.78 -18.98
N MET A 800 5.50 15.51 -17.78
CA MET A 800 6.27 16.50 -17.01
C MET A 800 7.71 16.51 -17.48
N SER A 801 8.42 17.60 -17.18
CA SER A 801 9.86 17.68 -17.42
C SER A 801 10.54 16.47 -16.79
N SER A 802 10.31 16.33 -15.49
CA SER A 802 11.02 15.40 -14.65
C SER A 802 11.31 14.08 -15.31
N ALA A 803 12.52 13.55 -15.06
CA ALA A 803 12.99 12.30 -15.64
C ALA A 803 12.44 11.06 -14.90
N LYS A 804 11.50 11.25 -13.97
CA LYS A 804 10.56 10.17 -13.58
C LYS A 804 9.64 9.82 -14.77
N ARG A 805 9.31 10.86 -15.59
CA ARG A 805 8.31 10.84 -16.69
C ARG A 805 6.88 10.64 -16.15
N PRO A 806 6.38 11.60 -15.35
CA PRO A 806 5.02 11.46 -14.89
C PRO A 806 4.00 12.00 -15.91
N LEU A 807 2.83 11.32 -15.96
CA LEU A 807 1.73 11.61 -16.88
C LEU A 807 0.56 12.33 -16.20
N TRP A 808 0.08 13.36 -16.89
CA TRP A 808 -1.12 14.12 -16.53
C TRP A 808 -2.19 13.67 -17.51
N LEU A 809 -3.21 13.00 -16.99
CA LEU A 809 -4.23 12.39 -17.83
C LEU A 809 -5.63 12.92 -17.57
N ASN A 810 -6.38 13.08 -18.65
CA ASN A 810 -7.70 13.68 -18.59
C ASN A 810 -8.70 12.72 -19.18
N TRP A 811 -9.67 12.37 -18.36
CA TRP A 811 -10.80 11.58 -18.79
C TRP A 811 -12.14 12.34 -18.70
N GLU A 812 -13.12 11.91 -19.48
CA GLU A 812 -14.47 12.46 -19.36
C GLU A 812 -15.14 11.85 -18.16
N ASN A 813 -16.14 12.54 -17.61
CA ASN A 813 -17.06 11.92 -16.67
C ASN A 813 -18.27 11.62 -17.49
N PRO A 814 -18.54 10.33 -17.67
CA PRO A 814 -19.55 9.93 -18.63
C PRO A 814 -20.94 9.94 -18.04
N ASP A 815 -21.07 10.44 -16.81
CA ASP A 815 -22.36 10.60 -16.11
C ASP A 815 -23.26 11.55 -16.93
N ILE A 816 -24.60 11.40 -16.82
CA ILE A 816 -25.57 12.30 -17.50
C ILE A 816 -25.52 13.66 -16.84
N MET A 817 -25.27 13.65 -15.52
CA MET A 817 -25.10 14.86 -14.71
C MET A 817 -23.61 15.16 -14.54
N SER A 818 -22.83 15.01 -15.64
CA SER A 818 -21.36 15.18 -15.63
C SER A 818 -21.06 16.56 -15.11
N GLU A 819 -21.74 17.51 -15.75
CA GLU A 819 -21.43 18.93 -15.66
C GLU A 819 -21.76 19.55 -14.32
N LEU A 820 -22.32 18.78 -13.41
CA LEU A 820 -22.65 19.34 -12.12
C LEU A 820 -21.54 19.20 -11.08
N LEU A 821 -20.66 18.19 -11.18
CA LEU A 821 -19.63 18.00 -10.14
C LEU A 821 -18.23 18.03 -10.68
N PHE A 822 -17.90 17.00 -11.45
CA PHE A 822 -16.66 17.02 -12.22
C PHE A 822 -17.01 16.50 -13.58
N GLN A 823 -16.63 17.28 -14.59
CA GLN A 823 -16.67 16.82 -15.95
C GLN A 823 -15.26 16.45 -16.43
N ASN A 824 -14.27 16.89 -15.65
CA ASN A 824 -12.89 16.51 -15.85
C ASN A 824 -12.48 15.71 -14.68
N ASN A 825 -12.25 14.43 -14.91
CA ASN A 825 -11.43 13.63 -14.02
C ASN A 825 -9.98 13.68 -14.54
N GLU A 826 -9.12 14.38 -13.82
CA GLU A 826 -7.71 14.45 -14.18
C GLU A 826 -6.89 13.81 -13.08
N ILE A 827 -5.90 13.00 -13.51
CA ILE A 827 -5.07 12.21 -12.59
C ILE A 827 -3.62 12.28 -12.98
N ILE A 828 -2.74 12.34 -11.99
CA ILE A 828 -1.29 12.26 -12.24
C ILE A 828 -0.92 10.82 -12.01
N PHE A 829 -0.43 10.16 -13.07
CA PHE A 829 0.15 8.84 -12.94
C PHE A 829 1.64 9.03 -12.76
N LYS A 830 2.33 8.14 -12.04
CA LYS A 830 3.75 8.35 -11.74
C LYS A 830 4.56 7.06 -11.52
N ASN A 831 5.68 6.92 -12.26
CA ASN A 831 6.74 5.91 -11.97
C ASN A 831 7.79 6.47 -11.00
N GLY A 832 8.78 5.66 -10.62
CA GLY A 832 9.98 6.17 -9.95
C GLY A 832 9.84 6.63 -8.51
N ASP A 833 8.90 7.52 -8.21
CA ASP A 833 8.74 8.10 -6.87
C ASP A 833 7.96 7.16 -5.92
N ASP A 834 8.51 6.89 -4.73
CA ASP A 834 7.77 6.19 -3.66
C ASP A 834 6.71 7.14 -3.13
N LEU A 835 5.47 6.97 -3.60
CA LEU A 835 4.38 7.85 -3.22
C LEU A 835 3.91 7.62 -1.79
N ARG A 836 4.46 6.60 -1.15
CA ARG A 836 3.98 6.19 0.15
C ARG A 836 4.05 7.24 1.22
N GLN A 837 5.01 8.15 1.15
CA GLN A 837 5.13 9.21 2.18
C GLN A 837 4.00 10.22 2.00
N ASP A 838 3.79 10.62 0.75
CA ASP A 838 2.68 11.52 0.41
C ASP A 838 1.35 10.94 0.87
N MET A 839 1.23 9.63 0.69
CA MET A 839 0.03 8.90 0.98
C MET A 839 -0.28 8.96 2.48
N LEU A 840 0.76 8.87 3.31
CA LEU A 840 0.63 8.98 4.80
C LEU A 840 0.42 10.44 5.26
N THR A 841 1.29 11.34 4.80
CA THR A 841 1.18 12.75 5.13
C THR A 841 -0.24 13.27 4.82
N LEU A 842 -0.73 13.06 3.61
CA LEU A 842 -2.10 13.45 3.25
C LEU A 842 -3.20 12.81 4.13
N GLN A 843 -2.86 11.72 4.81
CA GLN A 843 -3.80 11.13 5.75
C GLN A 843 -3.72 11.92 7.06
N ILE A 844 -2.52 12.13 7.52
CA ILE A 844 -2.33 12.91 8.72
C ILE A 844 -3.01 14.29 8.56
N ILE A 845 -2.82 14.92 7.40
CA ILE A 845 -3.37 16.25 7.14
C ILE A 845 -4.86 16.28 7.39
N ARG A 846 -5.54 15.26 6.88
CA ARG A 846 -6.99 15.16 7.00
C ARG A 846 -7.43 15.06 8.44
N ILE A 847 -6.71 14.25 9.22
CA ILE A 847 -7.03 14.04 10.63
C ILE A 847 -6.88 15.34 11.45
N MET A 848 -5.85 16.09 11.10
CA MET A 848 -5.66 17.36 11.74
C MET A 848 -6.81 18.30 11.42
N GLU A 849 -7.30 18.24 10.20
CA GLU A 849 -8.41 19.08 9.80
C GLU A 849 -9.65 18.68 10.59
N ASN A 850 -9.87 17.39 10.78
CA ASN A 850 -10.98 16.92 11.59
C ASN A 850 -10.85 17.35 13.02
N ILE A 851 -9.64 17.32 13.57
CA ILE A 851 -9.45 17.71 14.98
C ILE A 851 -9.77 19.19 15.15
N TRP A 852 -9.24 19.99 14.23
CA TRP A 852 -9.44 21.42 14.23
C TRP A 852 -10.89 21.77 13.96
N GLN A 853 -11.54 21.02 13.08
CA GLN A 853 -12.93 21.32 12.71
C GLN A 853 -13.85 21.12 13.92
N ASN A 854 -13.78 19.91 14.47
CA ASN A 854 -14.59 19.48 15.59
C ASN A 854 -14.22 20.27 16.83
N GLN A 855 -13.09 20.96 16.82
CA GLN A 855 -12.71 21.86 17.93
C GLN A 855 -13.15 23.32 17.69
N GLY A 856 -13.62 23.65 16.50
CA GLY A 856 -14.15 24.98 16.25
C GLY A 856 -13.16 25.94 15.64
N LEU A 857 -11.98 25.44 15.24
CA LEU A 857 -11.12 26.15 14.28
C LEU A 857 -11.51 25.75 12.87
N ASP A 858 -11.44 26.68 11.95
CA ASP A 858 -11.82 26.41 10.58
C ASP A 858 -10.64 26.62 9.64
N LEU A 859 -9.59 25.86 9.93
CA LEU A 859 -8.40 25.90 9.14
C LEU A 859 -8.63 24.89 8.02
N ARG A 860 -8.81 25.39 6.81
CA ARG A 860 -9.10 24.54 5.68
C ARG A 860 -7.85 24.03 4.96
N MET A 861 -7.63 22.75 5.08
CA MET A 861 -6.61 22.06 4.33
C MET A 861 -7.19 21.51 3.05
N LEU A 862 -6.34 20.94 2.23
CA LEU A 862 -6.74 20.23 1.01
C LEU A 862 -5.96 18.94 0.94
N PRO A 863 -6.46 17.92 1.63
CA PRO A 863 -5.82 16.61 1.61
C PRO A 863 -6.21 15.82 0.35
N TYR A 864 -5.68 16.27 -0.77
CA TYR A 864 -5.97 15.65 -2.04
C TYR A 864 -5.61 14.19 -2.01
N GLY A 865 -6.35 13.39 -2.75
CA GLY A 865 -6.18 11.93 -2.71
C GLY A 865 -4.96 11.48 -3.50
N CYS A 866 -4.34 10.41 -3.02
CA CYS A 866 -3.12 9.90 -3.63
C CYS A 866 -2.84 8.47 -3.16
N LEU A 867 -2.84 7.52 -4.09
CA LEU A 867 -2.75 6.11 -3.75
C LEU A 867 -1.51 5.57 -4.35
N SER A 868 -0.82 4.73 -3.60
CA SER A 868 0.32 4.02 -4.16
C SER A 868 -0.21 2.68 -4.64
N ILE A 869 -0.11 2.43 -5.94
CA ILE A 869 -0.61 1.19 -6.47
C ILE A 869 0.50 0.15 -6.53
N GLY A 870 1.72 0.55 -6.21
CA GLY A 870 2.81 -0.42 -6.26
C GLY A 870 4.16 0.09 -5.84
N ASP A 871 5.18 -0.51 -6.46
CA ASP A 871 6.57 -0.18 -6.19
C ASP A 871 6.96 1.08 -6.93
N CYS A 872 6.87 2.19 -6.22
CA CYS A 872 7.13 3.47 -6.82
C CYS A 872 6.28 3.61 -8.08
N VAL A 873 5.00 3.30 -7.90
CA VAL A 873 4.01 3.62 -8.88
C VAL A 873 2.92 4.19 -8.04
N GLY A 874 2.31 5.24 -8.55
CA GLY A 874 1.23 5.86 -7.83
C GLY A 874 0.26 6.63 -8.68
N LEU A 875 -0.82 7.06 -8.01
CA LEU A 875 -1.80 7.98 -8.56
C LEU A 875 -1.99 9.18 -7.63
N ILE A 876 -2.12 10.37 -8.24
CA ILE A 876 -2.34 11.62 -7.52
C ILE A 876 -3.52 12.39 -8.10
N GLU A 877 -4.46 12.75 -7.22
CA GLU A 877 -5.68 13.52 -7.54
C GLU A 877 -5.31 14.96 -7.96
N VAL A 878 -5.84 15.44 -9.08
CA VAL A 878 -5.49 16.77 -9.54
C VAL A 878 -6.55 17.74 -9.11
N VAL A 879 -6.13 18.80 -8.40
CA VAL A 879 -7.04 19.86 -7.99
C VAL A 879 -7.18 20.83 -9.16
N ARG A 880 -8.41 21.10 -9.60
CA ARG A 880 -8.63 21.98 -10.75
C ARG A 880 -8.38 23.42 -10.31
N ASN A 881 -8.07 24.28 -11.29
CA ASN A 881 -7.89 25.73 -11.07
C ASN A 881 -6.80 26.13 -10.09
N SER A 882 -5.90 25.22 -9.77
CA SER A 882 -4.80 25.50 -8.88
C SER A 882 -3.61 26.00 -9.67
N HIS A 883 -2.73 26.76 -9.02
CA HIS A 883 -1.44 27.15 -9.59
C HIS A 883 -0.35 27.12 -8.56
N THR A 884 0.86 26.86 -9.01
CA THR A 884 2.00 26.97 -8.15
C THR A 884 2.38 28.43 -7.97
N ILE A 885 2.88 28.76 -6.79
CA ILE A 885 3.27 30.12 -6.50
C ILE A 885 4.25 30.62 -7.54
N MET A 886 5.09 29.74 -8.07
CA MET A 886 6.04 30.16 -9.09
C MET A 886 5.29 30.73 -10.28
N GLN A 887 4.44 29.91 -10.88
CA GLN A 887 3.68 30.32 -12.05
C GLN A 887 3.07 31.66 -11.79
N ILE A 888 2.55 31.82 -10.59
CA ILE A 888 1.83 33.03 -10.21
C ILE A 888 2.75 34.24 -10.03
N GLN A 889 3.98 34.03 -9.58
CA GLN A 889 4.92 35.13 -9.39
C GLN A 889 5.88 35.22 -10.58
N CYS A 890 5.45 34.71 -11.76
CA CYS A 890 6.20 34.79 -13.02
C CYS A 890 5.32 34.72 -14.30
N GLN A 899 10.91 42.09 -13.07
CA GLN A 899 11.82 42.27 -11.94
C GLN A 899 11.55 41.32 -10.79
N PHE A 900 10.29 41.05 -10.52
CA PHE A 900 9.86 40.37 -9.30
C PHE A 900 9.53 41.35 -8.21
N ASN A 901 8.44 41.03 -7.51
CA ASN A 901 7.91 41.86 -6.45
C ASN A 901 7.18 40.95 -5.49
N SER A 902 7.37 41.18 -4.20
CA SER A 902 6.75 40.34 -3.16
C SER A 902 5.24 40.55 -3.08
N HIS A 903 4.82 41.77 -3.39
CA HIS A 903 3.40 42.06 -3.45
C HIS A 903 2.74 41.22 -4.52
N THR A 904 3.46 41.00 -5.63
CA THR A 904 2.95 40.28 -6.80
C THR A 904 1.89 39.21 -6.52
N LEU A 905 2.13 38.38 -5.50
CA LEU A 905 1.21 37.31 -5.17
C LEU A 905 -0.13 37.88 -4.74
N HIS A 906 -0.10 38.77 -3.77
CA HIS A 906 -1.30 39.40 -3.29
C HIS A 906 -2.01 40.20 -4.41
N GLN A 907 -1.26 40.99 -5.18
CA GLN A 907 -1.88 41.94 -6.14
C GLN A 907 -2.49 41.12 -7.33
N TRP A 908 -2.15 39.83 -7.45
CA TRP A 908 -2.87 38.88 -8.33
C TRP A 908 -4.16 38.36 -7.74
N LEU A 909 -4.11 37.92 -6.48
CA LEU A 909 -5.27 37.30 -5.80
C LEU A 909 -6.41 38.31 -5.64
N LYS A 910 -6.02 39.56 -5.35
CA LYS A 910 -6.91 40.71 -5.40
C LYS A 910 -7.60 40.73 -6.76
N ASP A 911 -6.81 40.64 -7.83
CA ASP A 911 -7.33 40.70 -9.20
C ASP A 911 -8.33 39.60 -9.52
N LYS A 912 -8.07 38.39 -9.02
CA LYS A 912 -8.96 37.25 -9.22
C LYS A 912 -10.19 37.29 -8.32
N ASN A 913 -10.09 37.91 -7.16
CA ASN A 913 -11.23 38.10 -6.29
C ASN A 913 -11.58 39.58 -6.15
N LYS A 914 -12.30 40.10 -7.13
CA LYS A 914 -12.52 41.54 -7.24
C LYS A 914 -13.58 42.09 -6.28
N GLY A 915 -13.15 43.09 -5.51
CA GLY A 915 -14.03 43.96 -4.73
C GLY A 915 -14.84 43.28 -3.66
N GLU A 916 -15.98 42.72 -4.06
CA GLU A 916 -16.97 42.25 -3.13
C GLU A 916 -16.56 40.92 -2.53
N ILE A 917 -15.79 40.13 -3.28
CA ILE A 917 -15.37 38.78 -2.88
C ILE A 917 -13.97 38.78 -2.20
N TYR A 918 -13.39 39.96 -2.05
CA TYR A 918 -12.01 40.10 -1.61
C TYR A 918 -11.84 39.68 -0.17
N ASP A 919 -12.45 40.39 0.77
CA ASP A 919 -12.24 40.08 2.19
C ASP A 919 -12.48 38.58 2.51
N ALA A 920 -13.40 37.97 1.77
CA ALA A 920 -13.64 36.54 1.90
C ALA A 920 -12.50 35.62 1.36
N ALA A 921 -11.93 35.96 0.21
CA ALA A 921 -10.80 35.22 -0.38
C ALA A 921 -9.49 35.32 0.43
N ILE A 922 -9.29 36.45 1.11
CA ILE A 922 -8.15 36.56 2.01
C ILE A 922 -8.37 35.82 3.31
N ASP A 923 -9.61 35.75 3.79
CA ASP A 923 -9.86 34.92 4.96
C ASP A 923 -9.39 33.48 4.67
N LEU A 924 -9.81 32.95 3.52
CA LEU A 924 -9.43 31.59 3.07
C LEU A 924 -7.94 31.38 3.03
N PHE A 925 -7.24 32.31 2.40
CA PHE A 925 -5.81 32.23 2.39
C PHE A 925 -5.26 32.19 3.81
N THR A 926 -5.68 33.13 4.66
CA THR A 926 -5.09 33.24 5.99
C THR A 926 -5.31 31.99 6.83
N ARG A 927 -6.49 31.41 6.73
CA ARG A 927 -6.79 30.17 7.47
C ARG A 927 -6.05 28.98 6.85
N SER A 928 -6.12 28.88 5.52
CA SER A 928 -5.44 27.82 4.79
C SER A 928 -4.01 27.84 5.23
N CYS A 929 -3.39 28.98 5.06
CA CYS A 929 -1.98 29.11 5.29
C CYS A 929 -1.63 28.70 6.69
N ALA A 930 -2.42 29.16 7.66
CA ALA A 930 -2.11 28.95 9.06
C ALA A 930 -2.01 27.47 9.35
N GLY A 931 -2.92 26.72 8.73
CA GLY A 931 -3.04 25.29 8.97
C GLY A 931 -1.90 24.54 8.37
N TYR A 932 -1.60 24.85 7.12
CA TYR A 932 -0.51 24.17 6.44
C TYR A 932 0.83 24.53 7.11
N CYS A 933 0.93 25.74 7.64
CA CYS A 933 2.12 26.13 8.37
C CYS A 933 2.31 25.29 9.60
N VAL A 934 1.33 25.29 10.49
CA VAL A 934 1.43 24.47 11.69
C VAL A 934 1.55 22.97 11.40
N ALA A 935 0.95 22.51 10.29
CA ALA A 935 0.97 21.09 9.92
C ALA A 935 2.37 20.67 9.49
N THR A 936 2.91 21.38 8.49
CA THR A 936 4.25 21.09 8.02
C THR A 936 5.31 21.28 9.11
N PHE A 937 5.10 22.19 10.04
CA PHE A 937 6.05 22.34 11.15
C PHE A 937 6.09 21.10 11.99
N ILE A 938 4.91 20.61 12.37
CA ILE A 938 4.82 19.49 13.30
C ILE A 938 5.44 18.25 12.75
N LEU A 939 5.02 17.91 11.53
CA LEU A 939 5.51 16.72 10.84
C LEU A 939 6.90 16.93 10.28
N GLY A 940 7.34 18.17 10.23
CA GLY A 940 8.68 18.48 9.72
C GLY A 940 8.86 18.13 8.25
N ILE A 941 7.87 18.50 7.45
CA ILE A 941 7.94 18.28 6.04
C ILE A 941 9.23 18.88 5.48
N GLY A 942 9.89 18.06 4.65
CA GLY A 942 11.17 18.36 4.06
C GLY A 942 11.26 19.71 3.38
N ASP A 943 12.47 20.26 3.38
CA ASP A 943 12.78 21.57 2.82
C ASP A 943 11.79 21.83 1.56
N ARG A 944 10.90 22.84 1.81
CA ARG A 944 9.76 23.33 0.97
C ARG A 944 10.10 24.54 0.14
N HIS A 945 9.30 24.78 -0.88
CA HIS A 945 9.66 25.82 -1.82
C HIS A 945 8.50 26.42 -2.64
N ASN A 946 8.90 26.94 -3.80
CA ASN A 946 8.09 27.73 -4.69
C ASN A 946 7.05 26.89 -5.42
N SER A 947 7.43 25.73 -5.98
CA SER A 947 6.51 24.81 -6.69
C SER A 947 5.96 23.66 -5.84
N ASN A 948 6.35 23.68 -4.57
CA ASN A 948 5.76 22.82 -3.56
C ASN A 948 4.41 23.26 -3.12
N ILE A 949 4.19 24.58 -3.06
CA ILE A 949 2.93 25.15 -2.59
C ILE A 949 2.08 25.61 -3.78
N MET A 950 0.76 25.49 -3.65
CA MET A 950 -0.12 25.92 -4.71
C MET A 950 -1.22 26.76 -4.11
N VAL A 951 -1.89 27.52 -4.97
CA VAL A 951 -2.98 28.36 -4.54
C VAL A 951 -4.04 28.24 -5.61
N LYS A 952 -5.27 28.02 -5.16
CA LYS A 952 -6.43 28.08 -6.04
C LYS A 952 -6.85 29.52 -6.23
N ASP A 953 -7.60 29.80 -7.29
CA ASP A 953 -8.09 31.15 -7.60
C ASP A 953 -8.84 31.79 -6.45
N ASP A 954 -9.71 31.02 -5.81
CA ASP A 954 -10.47 31.51 -4.65
C ASP A 954 -9.62 31.86 -3.43
N GLY A 955 -8.33 31.53 -3.46
CA GLY A 955 -7.38 31.94 -2.42
C GLY A 955 -6.90 30.88 -1.44
N GLN A 956 -7.42 29.66 -1.55
CA GLN A 956 -6.95 28.56 -0.70
C GLN A 956 -5.61 28.08 -1.17
N LEU A 957 -4.64 28.10 -0.26
CA LEU A 957 -3.37 27.48 -0.58
C LEU A 957 -3.33 26.05 -0.06
N PHE A 958 -2.46 25.25 -0.69
CA PHE A 958 -2.20 23.90 -0.27
C PHE A 958 -0.84 23.40 -0.75
N HIS A 959 -0.24 22.53 0.06
CA HIS A 959 1.08 21.95 -0.24
C HIS A 959 0.97 20.63 -1.01
N ILE A 960 1.96 20.38 -1.86
CA ILE A 960 2.09 19.13 -2.62
C ILE A 960 3.49 18.54 -2.55
N ASP A 961 3.62 17.24 -2.86
CA ASP A 961 4.92 16.63 -3.15
C ASP A 961 5.86 16.53 -1.91
N PHE A 962 5.38 15.80 -0.90
CA PHE A 962 5.99 15.76 0.43
C PHE A 962 7.23 14.87 0.54
N GLY A 963 7.19 13.73 -0.14
CA GLY A 963 8.37 12.91 -0.36
C GLY A 963 9.30 12.53 0.80
N HIS A 964 10.13 13.47 1.26
CA HIS A 964 11.20 13.13 2.20
C HIS A 964 10.82 13.41 3.67
N PHE A 965 9.62 13.93 3.95
CA PHE A 965 8.94 13.62 5.25
C PHE A 965 9.55 14.23 6.53
N LEU A 966 9.53 13.49 7.67
CA LEU A 966 9.80 14.05 9.01
C LEU A 966 11.25 14.09 9.33
N ASP A 967 11.74 15.31 9.39
CA ASP A 967 13.15 15.62 9.31
C ASP A 967 13.96 14.87 8.24
N HIS A 968 14.51 13.71 8.57
CA HIS A 968 15.17 12.87 7.60
C HIS A 968 16.42 13.50 7.02
N LYS A 969 16.34 14.74 6.56
CA LYS A 969 17.54 15.49 6.19
C LYS A 969 18.63 15.27 7.28
N LYS A 970 18.24 15.12 8.55
CA LYS A 970 19.20 14.92 9.66
C LYS A 970 20.13 13.72 9.52
N LYS A 971 19.73 12.74 8.72
CA LYS A 971 20.54 11.56 8.43
C LYS A 971 21.74 11.91 7.53
N LYS A 972 21.54 12.85 6.61
CA LYS A 972 22.59 13.28 5.66
C LYS A 972 23.73 14.02 6.35
N PHE A 973 23.40 14.77 7.39
CA PHE A 973 24.41 15.56 8.11
C PHE A 973 24.83 14.90 9.42
N GLY A 974 23.85 14.52 10.22
CA GLY A 974 24.10 13.99 11.55
C GLY A 974 24.29 15.09 12.56
N TYR A 975 23.51 16.16 12.42
CA TYR A 975 23.60 17.32 13.31
C TYR A 975 22.37 18.23 13.22
N LYS A 976 22.10 19.00 14.28
CA LYS A 976 21.01 19.99 14.26
C LYS A 976 21.47 21.18 13.38
N ARG A 977 21.51 20.92 12.06
CA ARG A 977 22.06 21.87 11.09
C ARG A 977 21.14 23.02 10.74
N GLU A 978 21.74 24.16 10.43
CA GLU A 978 21.00 25.32 9.99
C GLU A 978 20.42 25.07 8.61
N ARG A 979 19.20 25.55 8.39
CA ARG A 979 18.62 25.50 7.06
C ARG A 979 17.93 26.79 6.61
N VAL A 980 17.72 26.85 5.29
CA VAL A 980 17.12 27.96 4.59
C VAL A 980 15.86 28.36 5.30
N PRO A 981 15.75 29.64 5.66
CA PRO A 981 14.49 30.15 6.19
C PRO A 981 13.40 30.15 5.15
N PHE A 982 12.16 30.02 5.58
CA PHE A 982 11.03 29.95 4.67
C PHE A 982 10.81 31.30 3.99
N VAL A 983 11.52 31.48 2.87
CA VAL A 983 11.59 32.77 2.21
C VAL A 983 10.23 33.30 1.82
N LEU A 984 9.23 32.42 1.63
CA LEU A 984 7.91 32.85 1.15
C LEU A 984 7.05 33.61 2.17
N THR A 985 7.39 33.51 3.44
CA THR A 985 6.73 34.33 4.46
C THR A 985 6.46 35.80 4.04
N GLN A 986 7.38 36.40 3.29
CA GLN A 986 7.19 37.76 2.77
C GLN A 986 5.98 37.80 1.86
N ASP A 987 6.00 37.00 0.80
CA ASP A 987 4.92 37.05 -0.17
C ASP A 987 3.60 36.84 0.56
N PHE A 988 3.60 35.92 1.53
CA PHE A 988 2.39 35.48 2.23
C PHE A 988 1.91 36.51 3.21
N LEU A 989 2.83 37.13 3.94
CA LEU A 989 2.41 38.13 4.90
C LEU A 989 1.80 39.34 4.22
N ILE A 990 2.24 39.66 3.00
CA ILE A 990 1.63 40.74 2.24
C ILE A 990 0.17 40.38 1.84
N VAL A 991 -0.08 39.14 1.46
CA VAL A 991 -1.44 38.75 1.16
C VAL A 991 -2.27 38.66 2.45
N ILE A 992 -1.61 38.49 3.59
CA ILE A 992 -2.32 38.29 4.87
C ILE A 992 -2.75 39.59 5.47
N SER A 993 -1.91 40.59 5.34
CA SER A 993 -2.17 41.92 5.88
C SER A 993 -2.70 42.90 4.76
N LYS A 994 -3.15 42.33 3.64
CA LYS A 994 -3.56 43.09 2.46
C LYS A 994 -2.42 44.03 2.12
N GLY A 995 -2.50 44.80 1.04
CA GLY A 995 -1.28 45.44 0.47
C GLY A 995 -0.37 46.28 1.41
N ALA A 996 -0.30 45.88 2.68
CA ALA A 996 0.29 46.72 3.73
C ALA A 996 1.75 46.89 3.49
N GLN A 997 2.24 48.13 3.51
CA GLN A 997 3.67 48.32 3.42
C GLN A 997 4.29 47.57 4.58
N GLU A 998 3.95 47.95 5.82
CA GLU A 998 4.46 47.20 6.96
C GLU A 998 3.41 46.23 7.37
N TYR A 999 3.84 45.00 7.66
CA TYR A 999 2.95 43.82 7.88
C TYR A 999 3.34 42.89 9.03
N THR A 1000 4.49 43.14 9.67
CA THR A 1000 4.95 42.29 10.77
C THR A 1000 4.19 42.56 12.05
N LYS A 1001 3.81 43.82 12.24
CA LYS A 1001 3.13 44.24 13.45
C LYS A 1001 1.74 44.82 13.13
N THR A 1002 0.86 43.99 12.58
CA THR A 1002 -0.48 44.41 12.11
C THR A 1002 -1.58 43.80 12.97
N ARG A 1003 -2.79 44.37 12.85
CA ARG A 1003 -4.00 43.78 13.43
C ARG A 1003 -4.19 42.42 12.80
N GLU A 1004 -3.83 42.33 11.51
CA GLU A 1004 -4.12 41.14 10.70
C GLU A 1004 -3.24 39.98 11.08
N PHE A 1005 -1.94 40.25 11.25
CA PHE A 1005 -0.97 39.24 11.63
C PHE A 1005 -1.29 38.62 13.00
N GLU A 1006 -1.82 39.39 13.93
CA GLU A 1006 -2.13 38.81 15.24
C GLU A 1006 -3.17 37.71 15.10
N ARG A 1007 -4.15 38.01 14.26
CA ARG A 1007 -5.27 37.14 14.00
C ARG A 1007 -4.81 35.76 13.39
N PHE A 1008 -3.91 35.83 12.42
CA PHE A 1008 -3.24 34.65 11.84
C PHE A 1008 -2.42 33.91 12.88
N GLN A 1009 -1.51 34.64 13.51
CA GLN A 1009 -0.61 34.09 14.51
C GLN A 1009 -1.36 33.34 15.59
N GLU A 1010 -2.50 33.91 15.98
CA GLU A 1010 -3.36 33.25 16.94
C GLU A 1010 -3.76 31.87 16.42
N MET A 1011 -4.36 31.85 15.25
CA MET A 1011 -4.81 30.61 14.62
C MET A 1011 -3.78 29.47 14.67
N CYS A 1012 -2.53 29.82 14.39
CA CYS A 1012 -1.44 28.86 14.43
C CYS A 1012 -1.20 28.37 15.84
N TYR A 1013 -1.26 29.27 16.83
CA TYR A 1013 -1.19 28.85 18.23
C TYR A 1013 -2.31 27.91 18.59
N LYS A 1014 -3.53 28.30 18.24
CA LYS A 1014 -4.71 27.50 18.56
C LYS A 1014 -4.58 26.12 17.96
N ALA A 1015 -4.20 26.08 16.68
CA ALA A 1015 -4.14 24.81 15.97
C ALA A 1015 -3.00 23.92 16.48
N TYR A 1016 -1.86 24.52 16.78
CA TYR A 1016 -0.72 23.74 17.33
C TYR A 1016 -1.05 23.07 18.67
N LEU A 1017 -1.58 23.86 19.59
CA LEU A 1017 -1.86 23.37 20.93
C LEU A 1017 -3.02 22.33 20.88
N ALA A 1018 -3.90 22.49 19.88
CA ALA A 1018 -5.02 21.61 19.69
C ALA A 1018 -4.56 20.19 19.36
N ILE A 1019 -3.53 20.09 18.55
CA ILE A 1019 -2.97 18.80 18.17
C ILE A 1019 -2.23 18.21 19.34
N ARG A 1020 -1.51 19.02 20.09
CA ARG A 1020 -0.85 18.51 21.30
C ARG A 1020 -1.77 17.62 22.20
N GLN A 1021 -2.97 18.08 22.45
CA GLN A 1021 -3.84 17.33 23.34
C GLN A 1021 -4.34 16.05 22.66
N HIS A 1022 -4.33 15.99 21.34
CA HIS A 1022 -4.59 14.74 20.63
C HIS A 1022 -3.28 14.07 20.16
N ALA A 1023 -2.18 14.34 20.88
CA ALA A 1023 -0.83 13.98 20.39
C ALA A 1023 -0.67 12.51 20.09
N ASN A 1024 -1.17 11.67 21.00
CA ASN A 1024 -0.86 10.25 20.95
C ASN A 1024 -1.40 9.56 19.70
N LEU A 1025 -2.53 10.02 19.21
CA LEU A 1025 -3.12 9.43 18.03
C LEU A 1025 -2.11 9.44 16.88
N PHE A 1026 -1.36 10.53 16.81
CA PHE A 1026 -0.35 10.66 15.76
C PHE A 1026 0.85 9.75 16.00
N ILE A 1027 1.37 9.76 17.22
CA ILE A 1027 2.47 8.88 17.55
C ILE A 1027 2.10 7.41 17.24
N ASN A 1028 0.83 7.04 17.46
CA ASN A 1028 0.37 5.66 17.19
C ASN A 1028 0.25 5.41 15.71
N LEU A 1029 -0.40 6.30 15.00
CA LEU A 1029 -0.52 6.11 13.55
C LEU A 1029 0.82 5.91 12.84
N PHE A 1030 1.88 6.58 13.31
CA PHE A 1030 3.20 6.47 12.69
C PHE A 1030 3.88 5.17 13.09
N SER A 1031 3.63 4.71 14.30
CA SER A 1031 4.35 3.54 14.81
C SER A 1031 3.76 2.23 14.27
N MET A 1032 2.51 2.29 13.84
CA MET A 1032 1.89 1.16 13.15
C MET A 1032 2.56 0.94 11.79
N MET A 1033 3.06 2.02 11.19
CA MET A 1033 3.71 2.01 9.87
C MET A 1033 5.19 1.63 9.91
N LEU A 1034 5.74 1.30 11.07
CA LEU A 1034 7.15 0.96 11.15
C LEU A 1034 7.49 -0.15 10.17
N GLY A 1035 6.51 -1.05 9.95
CA GLY A 1035 6.71 -2.24 9.12
C GLY A 1035 7.20 -1.91 7.74
N SER A 1036 6.41 -1.08 7.05
CA SER A 1036 6.71 -0.65 5.70
C SER A 1036 8.14 -0.19 5.61
N GLY A 1037 8.78 -0.49 4.48
CA GLY A 1037 10.14 -0.08 4.24
C GLY A 1037 10.30 1.40 3.95
N MET A 1038 9.44 2.26 4.51
CA MET A 1038 9.60 3.71 4.39
C MET A 1038 10.91 4.11 5.08
N PRO A 1039 11.81 4.80 4.35
CA PRO A 1039 13.14 5.05 4.90
C PRO A 1039 13.14 5.99 6.09
N GLU A 1040 12.09 6.81 6.20
CA GLU A 1040 11.99 7.80 7.27
C GLU A 1040 11.42 7.20 8.55
N LEU A 1041 10.77 6.04 8.44
CA LEU A 1041 10.09 5.41 9.55
C LEU A 1041 10.61 4.02 9.81
N GLN A 1042 11.93 3.90 9.91
CA GLN A 1042 12.48 2.59 10.08
C GLN A 1042 12.97 2.39 11.51
N SER A 1043 12.56 3.26 12.44
CA SER A 1043 12.91 3.10 13.87
C SER A 1043 11.99 3.93 14.71
N PHE A 1044 12.15 3.87 16.03
CA PHE A 1044 11.30 4.66 16.90
C PHE A 1044 11.85 6.05 17.17
N ASP A 1045 13.12 6.24 16.92
CA ASP A 1045 13.72 7.53 17.17
C ASP A 1045 13.27 8.49 16.10
N ASP A 1046 12.86 7.92 14.97
CA ASP A 1046 12.33 8.71 13.87
C ASP A 1046 11.04 9.36 14.30
N ILE A 1047 10.16 8.57 14.93
CA ILE A 1047 8.87 9.05 15.40
C ILE A 1047 9.11 10.07 16.50
N ALA A 1048 10.10 9.80 17.33
CA ALA A 1048 10.45 10.67 18.44
C ALA A 1048 10.59 12.14 18.03
N TYR A 1049 10.88 12.43 16.76
CA TYR A 1049 10.89 13.82 16.26
C TYR A 1049 9.58 14.54 16.53
N ILE A 1050 8.45 13.84 16.44
CA ILE A 1050 7.16 14.47 16.75
C ILE A 1050 7.02 14.84 18.24
N ARG A 1051 7.71 14.14 19.13
CA ARG A 1051 7.78 14.59 20.52
C ARG A 1051 8.51 15.92 20.63
N LYS A 1052 9.63 16.06 19.90
CA LYS A 1052 10.44 17.31 19.84
C LYS A 1052 9.68 18.46 19.19
N THR A 1053 8.85 18.17 18.17
CA THR A 1053 8.05 19.22 17.50
C THR A 1053 6.92 19.69 18.38
N LEU A 1054 6.20 18.75 18.98
CA LEU A 1054 5.24 19.08 20.04
C LEU A 1054 6.00 19.54 21.33
N ALA A 1055 5.31 19.70 22.43
CA ALA A 1055 6.02 19.89 23.67
C ALA A 1055 6.14 18.49 24.25
N LEU A 1056 7.36 18.06 24.55
CA LEU A 1056 7.58 16.73 25.17
C LEU A 1056 7.38 16.81 26.69
N ASP A 1057 8.37 17.34 27.41
CA ASP A 1057 8.25 17.52 28.85
C ASP A 1057 7.52 18.85 29.12
N LYS A 1058 7.19 19.59 28.06
CA LYS A 1058 6.72 20.96 28.23
C LYS A 1058 5.20 21.08 28.41
N THR A 1059 4.82 22.13 29.13
CA THR A 1059 3.45 22.39 29.47
C THR A 1059 2.94 23.48 28.56
N GLU A 1060 1.65 23.45 28.27
CA GLU A 1060 1.04 24.39 27.33
C GLU A 1060 1.83 25.67 27.03
N GLN A 1061 1.96 26.58 27.99
CA GLN A 1061 2.67 27.83 27.73
C GLN A 1061 4.11 27.64 27.26
N GLU A 1062 4.88 26.88 28.04
CA GLU A 1062 6.24 26.49 27.64
C GLU A 1062 6.27 26.02 26.18
N ALA A 1063 5.24 25.26 25.79
CA ALA A 1063 5.12 24.71 24.44
C ALA A 1063 4.78 25.78 23.43
N LEU A 1064 3.89 26.71 23.79
CA LEU A 1064 3.63 27.86 22.92
C LEU A 1064 4.89 28.70 22.74
N GLU A 1065 5.74 28.76 23.77
CA GLU A 1065 6.99 29.50 23.67
C GLU A 1065 7.95 28.78 22.71
N TYR A 1066 8.12 27.48 22.88
CA TYR A 1066 8.96 26.69 21.96
C TYR A 1066 8.57 26.88 20.52
N PHE A 1067 7.27 26.87 20.26
CA PHE A 1067 6.74 27.04 18.92
C PHE A 1067 7.13 28.41 18.36
N THR A 1068 6.70 29.48 19.05
CA THR A 1068 7.01 30.82 18.55
C THR A 1068 8.50 31.02 18.36
N LYS A 1069 9.29 30.57 19.34
CA LYS A 1069 10.74 30.75 19.31
C LYS A 1069 11.35 30.02 18.14
N GLN A 1070 10.81 28.85 17.81
CA GLN A 1070 11.25 28.11 16.63
C GLN A 1070 10.68 28.72 15.34
N MET A 1071 9.58 29.48 15.41
CA MET A 1071 9.01 30.11 14.21
C MET A 1071 9.69 31.42 13.83
N ASN A 1072 10.01 32.21 14.85
CA ASN A 1072 10.78 33.43 14.66
C ASN A 1072 12.28 33.13 14.53
N ASP A 1073 12.68 31.86 14.69
CA ASP A 1073 14.09 31.46 14.52
C ASP A 1073 14.51 31.39 13.04
N ALA A 1074 15.25 32.40 12.62
CA ALA A 1074 15.93 32.38 11.33
C ALA A 1074 16.99 31.28 11.35
N HIS A 1075 17.62 31.10 10.20
CA HIS A 1075 18.48 29.95 9.93
C HIS A 1075 18.11 28.67 10.71
N HIS A 1076 16.82 28.45 10.86
CA HIS A 1076 16.31 27.22 11.43
C HIS A 1076 14.91 27.04 10.84
N GLY A 1077 14.76 27.25 9.54
CA GLY A 1077 13.46 27.07 8.85
C GLY A 1077 12.43 28.17 9.03
N GLY A 1078 12.73 29.17 9.86
CA GLY A 1078 11.78 30.26 10.22
C GLY A 1078 11.94 31.58 9.42
N TRP A 1079 11.82 32.71 10.12
CA TRP A 1079 11.89 34.03 9.45
C TRP A 1079 12.18 35.15 10.45
N THR A 1080 12.98 36.14 10.05
CA THR A 1080 13.05 37.44 10.72
C THR A 1080 12.99 38.43 9.59
N THR A 1081 13.00 39.73 9.89
CA THR A 1081 13.25 40.73 8.84
C THR A 1081 14.64 41.37 9.01
N LYS A 1082 15.70 40.53 9.05
CA LYS A 1082 17.08 40.99 8.79
C LYS A 1082 17.21 41.30 7.31
N MET A 1083 16.59 40.42 6.50
CA MET A 1083 16.65 40.42 5.01
C MET A 1083 18.11 40.38 4.52
N ASP A 1084 18.92 39.68 5.30
CA ASP A 1084 20.29 39.46 4.93
C ASP A 1084 20.86 38.29 5.72
N TRP A 1085 20.14 37.19 5.72
CA TRP A 1085 20.83 35.95 5.93
C TRP A 1085 21.71 35.84 4.68
N ILE A 1086 22.28 34.68 4.39
CA ILE A 1086 23.21 34.48 3.23
C ILE A 1086 24.58 35.11 3.49
N PHE A 1087 24.62 36.44 3.60
CA PHE A 1087 25.90 37.12 3.64
C PHE A 1087 26.22 37.79 4.98
N HIS A 1088 25.23 38.34 5.66
CA HIS A 1088 25.43 39.05 6.93
C HIS A 1088 26.14 40.41 6.75
N THR A 1089 25.37 41.51 6.79
CA THR A 1089 25.91 42.87 6.70
C THR A 1089 24.96 43.99 7.16
N LYS B 127 40.11 18.63 13.49
CA LYS B 127 39.73 18.90 12.09
C LYS B 127 38.47 18.13 11.65
N LEU B 128 37.34 18.83 11.63
CA LEU B 128 36.10 18.30 11.07
C LEU B 128 36.14 18.35 9.55
N HIS B 129 36.76 19.39 8.98
CA HIS B 129 36.89 19.48 7.52
C HIS B 129 37.65 18.25 6.98
N GLU B 130 38.53 17.69 7.81
CA GLU B 130 39.25 16.45 7.48
C GLU B 130 38.33 15.21 7.45
N TYR B 131 37.53 15.00 8.50
CA TYR B 131 36.67 13.78 8.58
C TYR B 131 35.34 13.89 7.82
N ASN B 132 34.94 15.12 7.47
CA ASN B 132 33.78 15.35 6.59
C ASN B 132 34.11 14.97 5.15
N THR B 133 35.40 15.03 4.79
CA THR B 133 35.82 14.60 3.45
C THR B 133 35.81 13.05 3.36
N GLN B 134 36.20 12.38 4.46
CA GLN B 134 36.12 10.91 4.55
C GLN B 134 34.68 10.44 4.68
N PHE B 135 33.93 11.10 5.58
CA PHE B 135 32.54 10.73 5.85
C PHE B 135 31.69 10.78 4.58
N GLN B 136 31.74 11.90 3.84
CA GLN B 136 30.95 12.09 2.61
C GLN B 136 31.39 11.20 1.45
N GLU B 137 32.66 10.80 1.42
CA GLU B 137 33.14 9.89 0.39
C GLU B 137 32.71 8.46 0.65
N LYS B 138 32.96 7.95 1.87
CA LYS B 138 32.49 6.62 2.27
C LYS B 138 30.96 6.56 2.24
N SER B 139 30.28 7.60 2.75
CA SER B 139 28.81 7.60 2.85
C SER B 139 28.17 7.57 1.49
N ARG B 140 28.60 8.44 0.60
CA ARG B 140 27.94 8.60 -0.69
C ARG B 140 28.37 7.52 -1.69
N GLU B 141 29.47 6.82 -1.43
CA GLU B 141 29.82 5.60 -2.18
C GLU B 141 29.01 4.39 -1.75
N TYR B 142 28.69 4.31 -0.46
CA TYR B 142 27.79 3.28 0.06
C TYR B 142 26.43 3.32 -0.65
N ASP B 143 26.02 4.53 -1.04
CA ASP B 143 24.74 4.75 -1.74
C ASP B 143 24.76 4.39 -3.21
N ARG B 144 25.84 4.71 -3.90
CA ARG B 144 26.03 4.19 -5.25
C ARG B 144 26.17 2.68 -5.18
N LEU B 145 26.78 2.18 -4.09
CA LEU B 145 26.97 0.76 -3.90
C LEU B 145 25.69 0.02 -3.53
N TYR B 146 24.90 0.61 -2.63
CA TYR B 146 23.60 0.04 -2.22
C TYR B 146 22.52 0.16 -3.32
N GLU B 147 22.64 1.12 -4.22
CA GLU B 147 21.69 1.21 -5.32
C GLU B 147 22.00 0.19 -6.41
N GLU B 148 23.29 -0.09 -6.65
CA GLU B 148 23.65 -1.20 -7.54
C GLU B 148 23.32 -2.53 -6.92
N TYR B 149 23.18 -2.58 -5.60
CA TYR B 149 22.88 -3.85 -4.93
C TYR B 149 21.49 -4.33 -5.28
N THR B 150 20.50 -3.51 -4.95
CA THR B 150 19.10 -3.89 -5.10
C THR B 150 18.62 -3.77 -6.57
N ARG B 151 19.30 -2.97 -7.38
CA ARG B 151 19.00 -2.90 -8.84
C ARG B 151 19.50 -4.13 -9.59
N THR B 152 20.68 -4.61 -9.21
CA THR B 152 21.19 -5.88 -9.73
C THR B 152 20.34 -7.04 -9.26
N SER B 153 20.07 -7.06 -7.98
CA SER B 153 19.27 -8.11 -7.36
C SER B 153 17.94 -8.37 -8.07
N GLN B 154 17.34 -7.32 -8.64
CA GLN B 154 16.08 -7.48 -9.36
C GLN B 154 16.31 -8.20 -10.70
N GLU B 155 17.29 -7.71 -11.46
CA GLU B 155 17.68 -8.36 -12.72
C GLU B 155 18.13 -9.82 -12.50
N ILE B 156 18.61 -10.15 -11.31
CA ILE B 156 18.93 -11.51 -10.97
C ILE B 156 17.66 -12.33 -11.00
N GLN B 157 16.68 -12.00 -10.17
CA GLN B 157 15.47 -12.84 -10.06
C GLN B 157 14.61 -12.72 -11.33
N MET B 158 14.65 -11.53 -11.94
CA MET B 158 14.00 -11.27 -13.23
C MET B 158 14.47 -12.26 -14.28
N LYS B 159 15.77 -12.25 -14.58
CA LYS B 159 16.36 -13.15 -15.54
C LYS B 159 16.12 -14.61 -15.14
N ARG B 160 16.20 -14.94 -13.85
CA ARG B 160 16.14 -16.33 -13.45
C ARG B 160 14.77 -16.88 -13.74
N THR B 161 13.74 -16.03 -13.63
CA THR B 161 12.39 -16.48 -13.92
C THR B 161 12.17 -16.48 -15.41
N ALA B 162 13.03 -15.81 -16.18
CA ALA B 162 13.04 -15.95 -17.67
C ALA B 162 13.70 -17.25 -18.08
N ILE B 163 14.72 -17.64 -17.33
CA ILE B 163 15.34 -18.95 -17.49
C ILE B 163 14.26 -20.01 -17.34
N GLU B 164 13.37 -19.83 -16.38
CA GLU B 164 12.33 -20.80 -16.10
C GLU B 164 11.37 -20.92 -17.26
N ALA B 165 11.08 -19.78 -17.89
CA ALA B 165 10.14 -19.72 -19.01
C ALA B 165 10.71 -20.34 -20.28
N PHE B 166 12.02 -20.20 -20.42
CA PHE B 166 12.75 -20.85 -21.48
C PHE B 166 12.58 -22.36 -21.35
N ASN B 167 12.70 -22.84 -20.13
CA ASN B 167 12.66 -24.27 -19.86
C ASN B 167 11.32 -24.92 -20.15
N GLU B 168 10.25 -24.13 -20.09
CA GLU B 168 8.92 -24.60 -20.42
C GLU B 168 8.66 -24.48 -21.92
N THR B 169 9.36 -23.55 -22.57
CA THR B 169 9.25 -23.37 -24.02
C THR B 169 10.06 -24.47 -24.72
N ILE B 170 11.31 -24.69 -24.31
CA ILE B 170 12.07 -25.84 -24.83
C ILE B 170 11.36 -27.16 -24.53
N LYS B 171 10.64 -27.25 -23.41
CA LYS B 171 9.87 -28.45 -23.10
C LYS B 171 8.70 -28.64 -24.06
N ILE B 172 7.94 -27.57 -24.35
CA ILE B 172 6.81 -27.64 -25.30
C ILE B 172 7.21 -27.84 -26.75
N PHE B 173 8.36 -27.28 -27.14
CA PHE B 173 8.83 -27.43 -28.52
C PHE B 173 9.35 -28.85 -28.79
N GLU B 174 9.86 -29.51 -27.76
CA GLU B 174 10.22 -30.92 -27.86
C GLU B 174 8.99 -31.78 -28.01
N GLU B 175 7.91 -31.42 -27.32
CA GLU B 175 6.67 -32.17 -27.38
C GLU B 175 6.00 -32.05 -28.76
N GLN B 176 6.08 -30.86 -29.37
CA GLN B 176 5.58 -30.69 -30.73
C GLN B 176 6.43 -31.50 -31.70
N CYS B 177 7.72 -31.52 -31.44
CA CYS B 177 8.63 -32.26 -32.27
C CYS B 177 8.31 -33.78 -32.21
N GLN B 178 7.94 -34.26 -31.03
CA GLN B 178 7.56 -35.67 -30.82
C GLN B 178 6.20 -36.01 -31.41
N THR B 179 5.37 -35.02 -31.69
CA THR B 179 4.08 -35.29 -32.32
C THR B 179 4.22 -35.43 -33.84
N GLN B 180 5.21 -34.76 -34.45
CA GLN B 180 5.46 -34.97 -35.87
C GLN B 180 5.88 -36.41 -36.07
N GLU B 181 6.91 -36.82 -35.36
CA GLU B 181 7.41 -38.19 -35.53
C GLU B 181 6.39 -39.28 -35.19
N ARG B 182 5.28 -38.91 -34.53
CA ARG B 182 4.18 -39.86 -34.33
C ARG B 182 3.27 -39.87 -35.55
N TYR B 183 2.56 -38.76 -35.75
CA TYR B 183 1.49 -38.67 -36.76
C TYR B 183 2.01 -38.72 -38.19
N SER B 184 3.33 -38.60 -38.33
CA SER B 184 3.99 -38.63 -39.61
C SER B 184 4.23 -40.07 -40.10
N LYS B 185 4.43 -41.02 -39.16
CA LYS B 185 4.90 -42.39 -39.52
C LYS B 185 4.13 -43.00 -40.66
N GLU B 186 2.81 -43.12 -40.51
CA GLU B 186 1.98 -43.82 -41.51
C GLU B 186 1.87 -43.10 -42.84
N TYR B 187 1.85 -41.77 -42.80
CA TYR B 187 1.75 -40.95 -44.01
C TYR B 187 3.07 -40.95 -44.78
N ILE B 188 4.18 -40.82 -44.06
CA ILE B 188 5.52 -40.73 -44.68
C ILE B 188 5.91 -42.03 -45.38
N GLU B 189 5.51 -43.16 -44.80
CA GLU B 189 5.70 -44.47 -45.41
C GLU B 189 4.81 -44.58 -46.63
N LYS B 190 3.52 -44.28 -46.47
CA LYS B 190 2.56 -44.36 -47.57
C LYS B 190 3.10 -43.67 -48.82
N PHE B 191 3.78 -42.55 -48.65
CA PHE B 191 4.34 -41.80 -49.80
C PHE B 191 5.60 -42.42 -50.36
N LYS B 192 6.47 -42.90 -49.48
CA LYS B 192 7.67 -43.60 -49.90
C LYS B 192 7.28 -44.70 -50.89
N ARG B 193 6.18 -45.39 -50.58
CA ARG B 193 5.64 -46.48 -51.40
C ARG B 193 5.19 -46.00 -52.78
N GLU B 194 4.51 -44.86 -52.78
CA GLU B 194 3.92 -44.35 -54.00
C GLU B 194 4.93 -43.49 -54.72
N GLY B 195 6.12 -43.35 -54.14
CA GLY B 195 7.22 -42.63 -54.79
C GLY B 195 6.88 -41.16 -54.97
N ASN B 196 6.29 -40.58 -53.94
CA ASN B 196 5.80 -39.22 -53.99
C ASN B 196 6.91 -38.19 -53.93
N GLU B 197 7.82 -38.31 -52.96
CA GLU B 197 9.05 -37.50 -52.93
C GLU B 197 8.73 -36.04 -52.73
N LYS B 198 8.02 -35.45 -53.70
CA LYS B 198 7.62 -34.03 -53.67
C LYS B 198 6.82 -33.71 -52.42
N GLU B 199 5.95 -34.62 -52.00
CA GLU B 199 5.18 -34.51 -50.76
C GLU B 199 5.99 -34.88 -49.51
N ILE B 200 6.86 -35.88 -49.63
CA ILE B 200 7.74 -36.28 -48.53
C ILE B 200 8.64 -35.11 -48.18
N GLN B 201 9.08 -34.38 -49.19
CA GLN B 201 10.01 -33.27 -49.00
C GLN B 201 9.37 -32.05 -48.31
N ARG B 202 8.06 -31.89 -48.46
CA ARG B 202 7.31 -30.85 -47.73
C ARG B 202 7.17 -31.20 -46.22
N ILE B 203 6.96 -32.48 -45.92
CA ILE B 203 6.82 -32.93 -44.55
C ILE B 203 8.13 -32.70 -43.79
N MET B 204 9.24 -33.16 -44.35
CA MET B 204 10.55 -33.00 -43.72
C MET B 204 10.98 -31.55 -43.64
N HIS B 205 10.62 -30.74 -44.65
CA HIS B 205 10.94 -29.31 -44.65
C HIS B 205 10.38 -28.65 -43.39
N ASN B 206 9.22 -29.13 -42.96
CA ASN B 206 8.58 -28.63 -41.77
C ASN B 206 9.22 -29.12 -40.48
N TYR B 207 9.76 -30.32 -40.50
CA TYR B 207 10.54 -30.81 -39.37
C TYR B 207 11.88 -30.07 -39.30
N ASP B 208 12.33 -29.57 -40.46
CA ASP B 208 13.59 -28.84 -40.58
C ASP B 208 13.50 -27.48 -39.89
N LYS B 209 12.40 -26.76 -40.14
CA LYS B 209 12.08 -25.55 -39.38
C LYS B 209 12.02 -25.90 -37.86
N LEU B 210 11.24 -26.92 -37.52
CA LEU B 210 10.91 -27.24 -36.14
C LEU B 210 12.16 -27.35 -35.29
N LYS B 211 13.08 -28.23 -35.69
CA LYS B 211 14.27 -28.49 -34.87
C LYS B 211 15.29 -27.35 -34.96
N SER B 212 15.21 -26.56 -36.05
CA SER B 212 16.08 -25.40 -36.19
C SER B 212 15.70 -24.30 -35.21
N ARG B 213 14.40 -24.12 -35.00
CA ARG B 213 13.91 -23.10 -34.08
C ARG B 213 14.15 -23.57 -32.63
N ILE B 214 14.17 -24.86 -32.36
CA ILE B 214 14.51 -25.30 -31.00
C ILE B 214 16.02 -25.19 -30.72
N SER B 215 16.83 -25.16 -31.76
CA SER B 215 18.25 -24.84 -31.59
C SER B 215 18.41 -23.39 -31.14
N GLU B 216 17.66 -22.48 -31.76
CA GLU B 216 17.74 -21.07 -31.42
C GLU B 216 17.32 -20.78 -29.99
N ILE B 217 16.26 -21.47 -29.52
CA ILE B 217 15.75 -21.33 -28.15
C ILE B 217 16.87 -21.72 -27.18
N ILE B 218 17.63 -22.73 -27.55
CA ILE B 218 18.67 -23.24 -26.67
C ILE B 218 19.91 -22.36 -26.68
N ASP B 219 20.26 -21.84 -27.85
CA ASP B 219 21.35 -20.86 -27.95
C ASP B 219 20.98 -19.58 -27.18
N SER B 220 19.71 -19.20 -27.27
CA SER B 220 19.19 -18.04 -26.55
C SER B 220 19.13 -18.27 -25.03
N ARG B 221 18.88 -19.53 -24.64
CA ARG B 221 18.82 -19.88 -23.23
C ARG B 221 20.19 -19.88 -22.62
N ARG B 222 21.13 -20.51 -23.31
CA ARG B 222 22.51 -20.54 -22.87
C ARG B 222 23.12 -19.16 -22.71
N ARG B 223 22.74 -18.21 -23.57
CA ARG B 223 23.35 -16.88 -23.49
C ARG B 223 22.82 -16.12 -22.28
N LEU B 224 21.54 -16.33 -21.98
CA LEU B 224 20.93 -15.78 -20.78
C LEU B 224 21.42 -16.51 -19.54
N GLU B 225 21.76 -17.79 -19.70
CA GLU B 225 22.32 -18.61 -18.61
C GLU B 225 23.64 -18.07 -18.05
N GLU B 226 24.41 -17.43 -18.91
CA GLU B 226 25.71 -16.88 -18.51
C GLU B 226 25.58 -15.51 -17.89
N ASP B 227 24.69 -14.69 -18.44
CA ASP B 227 24.47 -13.37 -17.91
C ASP B 227 24.08 -13.52 -16.46
N LEU B 228 23.21 -14.50 -16.19
CA LEU B 228 22.86 -14.95 -14.83
C LEU B 228 24.10 -15.37 -13.99
N LYS B 229 24.95 -16.22 -14.53
CA LYS B 229 26.16 -16.57 -13.79
C LYS B 229 27.05 -15.34 -13.58
N LYS B 230 27.16 -14.50 -14.62
CA LYS B 230 27.98 -13.29 -14.57
C LYS B 230 27.46 -12.31 -13.52
N GLN B 231 26.15 -12.20 -13.45
CA GLN B 231 25.50 -11.44 -12.40
C GLN B 231 25.75 -12.08 -11.02
N ALA B 232 25.74 -13.41 -10.96
CA ALA B 232 26.10 -14.15 -9.73
C ALA B 232 27.44 -13.68 -9.17
N ALA B 233 28.43 -13.56 -10.05
CA ALA B 233 29.77 -13.14 -9.64
C ALA B 233 29.78 -11.68 -9.19
N GLU B 234 29.35 -10.78 -10.06
CA GLU B 234 29.44 -9.32 -9.83
C GLU B 234 28.52 -8.83 -8.74
N TYR B 235 27.47 -9.58 -8.46
CA TYR B 235 26.62 -9.29 -7.31
C TYR B 235 27.36 -9.57 -5.99
N ARG B 236 27.90 -10.78 -5.84
CA ARG B 236 28.63 -11.16 -4.62
C ARG B 236 29.72 -10.17 -4.32
N GLU B 237 30.32 -9.60 -5.37
CA GLU B 237 31.40 -8.62 -5.20
C GLU B 237 30.87 -7.28 -4.69
N ILE B 238 29.64 -6.92 -5.08
CA ILE B 238 29.00 -5.74 -4.51
C ILE B 238 28.64 -5.97 -3.03
N ASP B 239 28.31 -7.20 -2.67
CA ASP B 239 28.09 -7.55 -1.25
C ASP B 239 29.43 -7.44 -0.49
N LYS B 240 30.49 -8.00 -1.08
CA LYS B 240 31.80 -8.03 -0.44
C LYS B 240 32.20 -6.63 -0.07
N ARG B 241 32.21 -5.76 -1.06
CA ARG B 241 32.69 -4.41 -0.85
C ARG B 241 31.69 -3.54 -0.12
N MET B 242 30.42 -3.97 -0.11
CA MET B 242 29.39 -3.26 0.64
C MET B 242 29.61 -3.47 2.13
N ASN B 243 29.96 -4.70 2.50
CA ASN B 243 30.34 -5.00 3.88
C ASN B 243 31.66 -4.42 4.29
N SER B 244 32.54 -4.26 3.32
CA SER B 244 33.82 -3.69 3.58
C SER B 244 33.66 -2.21 3.96
N ILE B 245 32.73 -1.52 3.30
CA ILE B 245 32.50 -0.08 3.56
C ILE B 245 31.79 0.19 4.90
N LYS B 246 30.90 -0.73 5.29
CA LYS B 246 30.08 -0.57 6.52
C LYS B 246 30.87 -0.17 7.78
N PRO B 247 31.75 -1.05 8.31
CA PRO B 247 32.38 -0.83 9.63
C PRO B 247 33.30 0.37 9.67
N ASP B 248 34.02 0.59 8.56
CA ASP B 248 34.93 1.73 8.41
C ASP B 248 34.17 3.07 8.32
N LEU B 249 32.90 3.02 7.95
CA LEU B 249 32.00 4.19 8.00
C LEU B 249 31.45 4.43 9.41
N ILE B 250 31.21 3.32 10.13
CA ILE B 250 30.75 3.32 11.53
C ILE B 250 31.75 4.03 12.44
N GLN B 251 33.04 3.92 12.13
CA GLN B 251 34.09 4.56 12.91
C GLN B 251 34.15 6.03 12.60
N LEU B 252 34.24 6.35 11.30
CA LEU B 252 34.37 7.72 10.82
C LEU B 252 33.27 8.66 11.37
N ARG B 253 32.06 8.13 11.56
CA ARG B 253 30.94 8.92 12.10
C ARG B 253 31.14 9.36 13.58
N LYS B 254 31.51 8.40 14.43
CA LYS B 254 31.72 8.70 15.86
C LYS B 254 33.18 9.06 16.14
N THR B 255 33.99 9.13 15.09
CA THR B 255 35.29 9.84 15.12
C THR B 255 34.99 11.31 15.21
N ARG B 256 33.91 11.70 14.54
CA ARG B 256 33.49 13.08 14.47
C ARG B 256 32.90 13.59 15.80
N ASP B 257 32.51 12.67 16.69
CA ASP B 257 32.04 13.02 18.05
C ASP B 257 33.13 13.65 18.89
N GLN B 258 34.35 13.19 18.66
CA GLN B 258 35.52 13.73 19.34
C GLN B 258 35.58 15.26 19.22
N TYR B 259 35.08 15.76 18.08
CA TYR B 259 34.99 17.19 17.82
C TYR B 259 33.53 17.70 17.97
N LEU B 260 33.04 17.63 19.22
CA LEU B 260 31.91 18.43 19.71
C LEU B 260 32.43 19.47 20.73
N MET B 261 33.73 19.73 20.70
CA MET B 261 34.33 20.56 21.73
C MET B 261 33.83 22.00 21.67
N LYS B 272 27.59 29.26 16.55
CA LYS B 272 28.82 30.03 16.70
C LYS B 272 29.92 29.36 15.84
N LEU B 273 30.61 28.37 16.40
CA LEU B 273 31.80 27.74 15.77
C LEU B 273 31.39 26.57 14.83
N ASN B 274 30.20 26.64 14.23
CA ASN B 274 29.66 25.55 13.36
C ASN B 274 30.19 25.53 11.91
N GLU B 275 31.31 26.21 11.73
CA GLU B 275 31.74 26.66 10.42
C GLU B 275 32.80 25.78 9.76
N TRP B 276 33.28 24.76 10.47
CA TRP B 276 34.31 23.87 9.89
C TRP B 276 33.70 22.91 8.84
N LEU B 277 32.50 23.27 8.38
CA LEU B 277 31.79 22.61 7.25
C LEU B 277 32.01 23.38 5.93
CAN P08 C . -1.47 17.56 -6.82
CAL P08 C . -2.59 18.53 -6.48
OAQ P08 C . -3.29 19.00 -7.68
CAM P08 C . -2.41 19.52 -8.71
CAO P08 C . -1.36 18.47 -9.10
NBA P08 C . -0.60 18.16 -7.87
CAU P08 C . 0.62 17.66 -8.08
CAJ P08 C . 1.19 16.79 -7.14
CAW P08 C . 2.51 16.41 -7.28
OAC P08 C . 2.92 15.60 -6.44
OAR P08 C . 1.38 18.24 -9.08
CAY P08 C . 2.65 17.78 -9.31
CAX P08 C . 3.23 16.87 -8.41
CAK P08 C . 4.52 16.36 -8.70
CAS P08 C . 5.22 16.77 -9.86
CAA P08 C . 6.52 16.28 -10.14
CAI P08 C . 4.62 17.71 -10.72
CAV P08 C . 3.33 18.22 -10.46
CAZ P08 C . 2.80 19.18 -11.39
CAB P08 C . 1.92 20.27 -10.67
NAP P08 C . 1.98 18.48 -12.36
CAT P08 C . 2.38 17.84 -13.48
CAG P08 C . 2.55 18.52 -14.71
CAE P08 C . 2.88 17.84 -15.90
CAD P08 C . 3.02 16.44 -15.86
CAF P08 C . 2.83 15.75 -14.66
CAH P08 C . 2.50 16.44 -13.48
CAN P08 D . 7.03 26.33 7.58
CAL P08 D . 8.20 25.42 8.02
OAQ P08 D . 8.13 25.19 9.43
CAM P08 D . 8.08 26.43 10.20
CAO P08 D . 6.88 27.31 9.78
NBA P08 D . 6.97 27.61 8.36
CAU P08 D . 6.06 28.53 7.95
CAJ P08 D . 5.21 28.24 6.88
CAW P08 D . 4.31 29.20 6.41
OAC P08 D . 3.57 28.91 5.46
OAR P08 D . 6.04 29.77 8.56
CAY P08 D . 5.16 30.75 8.09
CAX P08 D . 4.30 30.45 7.02
CAK P08 D . 3.44 31.43 6.56
CAS P08 D . 3.40 32.68 7.15
CAA P08 D . 2.51 33.64 6.69
CAI P08 D . 4.23 32.97 8.20
CAV P08 D . 5.13 32.04 8.70
CAZ P08 D . 5.93 32.50 9.76
CAB P08 D . 7.41 32.45 9.39
NAP P08 D . 5.81 31.71 10.94
CAT P08 D . 5.20 32.16 11.97
CAG P08 D . 5.91 32.84 12.92
CAE P08 D . 5.25 33.29 14.07
CAD P08 D . 3.89 33.05 14.23
CAF P08 D . 3.20 32.35 13.25
CAH P08 D . 3.85 31.91 12.12
#